data_5IQB
#
_entry.id   5IQB
#
_cell.length_a   89.430
_cell.length_b   99.220
_cell.length_c   93.510
_cell.angle_alpha   90.00
_cell.angle_beta   105.46
_cell.angle_gamma   90.00
#
_symmetry.space_group_name_H-M   'P 1 21 1'
#
loop_
_entity.id
_entity.type
_entity.pdbx_description
1 polymer 'Bifunctional AAC/APH'
2 non-polymer 'PHOSPHOAMINOPHOSPHONIC ACID-GUANYLATE ESTER'
3 non-polymer 'KANAMYCIN A'
4 non-polymer 'MAGNESIUM ION'
5 non-polymer 'CHLORIDE ION'
6 water water
#
_entity_poly.entity_id   1
_entity_poly.type   'polypeptide(L)'
_entity_poly.pdbx_seq_one_letter_code
;MEYRYDDNATNVKAMKYLIEHYFDNFKVDSIEIIGSGYDSVAYLVNNEYIFKTKFSTNKKKGYAKEKAIYNFLNTNLETN
VKIPNIEYSYISDELSILGYKEIKGTFLTPEIYSTMSEEEQNLLKRDIASFLRQMHGLDYTDISECTIDNKQNVLEEYIL
LRETIYNDLTDIEKDYIESFMERLNATTVFEGKKCLCHNDFSCNHLLLDGNNRLTGIIDFGDSGIIDEYCDFIYLLEDSE
EEIGTNFGEDILRMYGNIDIEKAKEYQDIVEEYYPIETIVYGIKNIKQEFIENGRKEIYKRTYKD
;
_entity_poly.pdbx_strand_id   A,B,C,D
#
loop_
_chem_comp.id
_chem_comp.type
_chem_comp.name
_chem_comp.formula
CL non-polymer 'CHLORIDE ION' 'Cl -1'
GNP non-polymer 'PHOSPHOAMINOPHOSPHONIC ACID-GUANYLATE ESTER' 'C10 H17 N6 O13 P3'
KAN non-polymer 'KANAMYCIN A' 'C18 H36 N4 O11'
MG non-polymer 'MAGNESIUM ION' 'Mg 2'
#
# COMPACT_ATOMS: atom_id res chain seq x y z
N THR A 10 -5.07 -19.07 17.89
CA THR A 10 -5.99 -18.32 16.95
C THR A 10 -5.36 -16.97 16.49
N ASN A 11 -4.19 -17.15 15.84
CA ASN A 11 -3.66 -16.18 14.84
C ASN A 11 -4.64 -16.08 13.74
N VAL A 12 -5.44 -17.13 13.63
CA VAL A 12 -6.45 -17.26 12.63
C VAL A 12 -7.50 -16.13 12.67
N LYS A 13 -7.98 -15.80 13.86
CA LYS A 13 -9.00 -14.73 14.02
C LYS A 13 -8.50 -13.39 13.57
N ALA A 14 -7.28 -13.07 13.97
CA ALA A 14 -6.64 -11.84 13.48
C ALA A 14 -6.56 -11.80 11.95
N MET A 15 -6.14 -12.91 11.36
CA MET A 15 -5.90 -12.91 9.94
C MET A 15 -7.19 -12.83 9.20
N LYS A 16 -8.18 -13.56 9.72
CA LYS A 16 -9.52 -13.46 9.18
C LYS A 16 -9.99 -12.01 9.17
N TYR A 17 -9.82 -11.33 10.29
CA TYR A 17 -10.15 -9.92 10.38
C TYR A 17 -9.42 -9.12 9.28
N LEU A 18 -8.12 -9.32 9.14
CA LEU A 18 -7.34 -8.55 8.17
C LEU A 18 -7.74 -8.80 6.74
N ILE A 19 -7.96 -10.06 6.43
CA ILE A 19 -8.45 -10.44 5.09
C ILE A 19 -9.79 -9.72 4.77
N GLU A 20 -10.75 -9.85 5.67
CA GLU A 20 -12.09 -9.28 5.43
C GLU A 20 -12.06 -7.76 5.41
N HIS A 21 -11.08 -7.18 6.11
CA HIS A 21 -10.92 -5.73 6.22
C HIS A 21 -10.23 -5.14 5.00
N TYR A 22 -9.22 -5.83 4.50
CA TYR A 22 -8.46 -5.33 3.34
C TYR A 22 -9.10 -5.71 2.00
N PHE A 23 -9.81 -6.82 1.95
CA PHE A 23 -10.44 -7.26 0.71
C PHE A 23 -11.94 -7.14 0.88
N ASP A 24 -12.43 -5.97 0.46
CA ASP A 24 -13.78 -5.43 0.64
C ASP A 24 -14.91 -6.45 0.71
N ASN A 25 -15.00 -7.31 -0.30
CA ASN A 25 -16.18 -8.15 -0.41
C ASN A 25 -15.86 -9.60 -0.14
N PHE A 26 -14.76 -9.84 0.56
CA PHE A 26 -14.34 -11.21 0.81
C PHE A 26 -14.85 -11.71 2.14
N LYS A 27 -15.54 -12.85 2.12
CA LYS A 27 -16.06 -13.45 3.33
C LYS A 27 -15.35 -14.74 3.70
N VAL A 28 -14.83 -14.79 4.91
CA VAL A 28 -14.14 -15.97 5.39
C VAL A 28 -15.09 -16.91 6.11
N ASP A 29 -15.48 -17.99 5.45
CA ASP A 29 -16.27 -19.05 6.08
C ASP A 29 -15.43 -20.04 6.87
N SER A 30 -14.17 -20.19 6.49
CA SER A 30 -13.26 -21.10 7.20
C SER A 30 -11.84 -20.69 6.88
N ILE A 31 -10.94 -21.01 7.80
CA ILE A 31 -9.56 -20.57 7.73
C ILE A 31 -8.71 -21.38 8.67
N GLU A 32 -7.67 -22.00 8.14
CA GLU A 32 -6.75 -22.75 8.93
C GLU A 32 -5.33 -22.46 8.45
N ILE A 33 -4.37 -22.58 9.34
CA ILE A 33 -2.95 -22.49 9.00
C ILE A 33 -2.47 -23.75 8.27
N ILE A 34 -1.89 -23.58 7.08
CA ILE A 34 -1.34 -24.74 6.34
C ILE A 34 0.15 -24.74 6.24
N GLY A 35 0.76 -23.62 6.51
CA GLY A 35 2.18 -23.58 6.49
C GLY A 35 2.72 -22.40 7.22
N SER A 36 3.95 -22.54 7.65
CA SER A 36 4.57 -21.50 8.41
C SER A 36 6.07 -21.50 8.17
N GLY A 37 6.57 -20.36 7.70
CA GLY A 37 8.02 -20.06 7.73
C GLY A 37 8.32 -19.48 9.10
N TYR A 38 9.51 -18.93 9.28
CA TYR A 38 9.79 -18.27 10.54
C TYR A 38 9.44 -16.80 10.47
N ASP A 39 9.20 -16.32 9.25
CA ASP A 39 8.89 -14.93 8.99
C ASP A 39 7.45 -14.72 8.52
N SER A 40 6.76 -15.80 8.27
CA SER A 40 5.57 -15.73 7.50
C SER A 40 4.61 -16.83 7.91
N VAL A 41 3.33 -16.65 7.57
CA VAL A 41 2.35 -17.67 7.78
C VAL A 41 1.45 -17.78 6.59
N ALA A 42 1.12 -19.01 6.23
CA ALA A 42 0.20 -19.24 5.15
C ALA A 42 -1.07 -19.94 5.63
N TYR A 43 -2.18 -19.53 5.03
CA TYR A 43 -3.52 -19.94 5.45
C TYR A 43 -4.35 -20.47 4.32
N LEU A 44 -5.10 -21.53 4.61
CA LEU A 44 -6.07 -22.05 3.67
C LEU A 44 -7.45 -21.53 4.04
N VAL A 45 -8.05 -20.78 3.12
CA VAL A 45 -9.27 -20.08 3.41
C VAL A 45 -10.39 -20.60 2.55
N ASN A 46 -11.52 -20.90 3.18
CA ASN A 46 -12.70 -21.47 2.49
C ASN A 46 -12.42 -22.76 1.73
N ASN A 47 -11.43 -23.50 2.20
CA ASN A 47 -10.97 -24.71 1.55
C ASN A 47 -10.63 -24.52 0.06
N GLU A 48 -10.34 -23.28 -0.34
CA GLU A 48 -10.18 -22.90 -1.75
C GLU A 48 -9.01 -21.94 -2.05
N TYR A 49 -8.69 -21.04 -1.12
CA TYR A 49 -7.72 -19.96 -1.33
C TYR A 49 -6.55 -20.09 -0.41
N ILE A 50 -5.36 -19.87 -0.94
CA ILE A 50 -4.16 -19.71 -0.13
C ILE A 50 -3.94 -18.22 0.11
N PHE A 51 -3.77 -17.85 1.37
CA PHE A 51 -3.32 -16.54 1.74
C PHE A 51 -1.97 -16.62 2.43
N LYS A 52 -0.95 -16.06 1.77
CA LYS A 52 0.41 -15.99 2.26
C LYS A 52 0.55 -14.64 2.91
N THR A 53 1.04 -14.60 4.14
CA THR A 53 1.10 -13.35 4.85
C THR A 53 2.38 -13.17 5.61
N LYS A 54 2.75 -11.92 5.79
CA LYS A 54 4.01 -11.59 6.39
C LYS A 54 3.89 -10.25 7.02
N PHE A 55 4.45 -10.09 8.20
CA PHE A 55 4.64 -8.75 8.79
C PHE A 55 6.08 -8.21 8.58
N SER A 56 6.27 -7.26 7.67
CA SER A 56 7.60 -6.68 7.27
C SER A 56 8.72 -7.72 7.18
N LYS A 60 10.02 -3.42 3.06
CA LYS A 60 10.46 -3.90 1.72
C LYS A 60 11.02 -5.33 1.66
N LYS A 61 11.38 -5.90 2.82
CA LYS A 61 11.51 -7.34 2.92
C LYS A 61 10.07 -7.94 2.91
N GLY A 62 9.24 -7.58 1.92
CA GLY A 62 7.85 -8.09 1.71
C GLY A 62 7.58 -8.79 0.35
N TYR A 63 6.32 -8.81 -0.06
CA TYR A 63 5.83 -9.62 -1.19
C TYR A 63 5.61 -8.91 -2.54
N ALA A 64 6.11 -7.70 -2.68
CA ALA A 64 5.99 -7.02 -3.97
C ALA A 64 6.70 -7.75 -5.11
N LYS A 65 7.93 -8.22 -4.91
CA LYS A 65 8.64 -8.89 -6.03
C LYS A 65 7.94 -10.15 -6.37
N GLU A 66 7.54 -10.87 -5.35
CA GLU A 66 6.92 -12.16 -5.58
C GLU A 66 5.65 -11.99 -6.43
N LYS A 67 4.89 -10.96 -6.10
CA LYS A 67 3.73 -10.59 -6.91
C LYS A 67 4.09 -10.19 -8.34
N ALA A 68 5.10 -9.33 -8.48
CA ALA A 68 5.52 -8.98 -9.84
C ALA A 68 5.91 -10.25 -10.64
N ILE A 69 6.49 -11.24 -9.96
CA ILE A 69 6.95 -12.41 -10.67
C ILE A 69 5.82 -13.30 -11.10
N TYR A 70 4.85 -13.52 -10.23
CA TYR A 70 3.65 -14.29 -10.63
C TYR A 70 2.95 -13.64 -11.82
N ASN A 71 2.89 -12.32 -11.80
CA ASN A 71 2.16 -11.63 -12.81
C ASN A 71 2.94 -11.76 -14.13
N PHE A 72 4.26 -11.61 -14.07
CA PHE A 72 5.08 -11.76 -15.27
C PHE A 72 4.92 -13.15 -15.85
N LEU A 73 4.98 -14.15 -15.00
CA LEU A 73 4.95 -15.55 -15.46
C LEU A 73 3.57 -15.95 -15.98
N ASN A 74 2.51 -15.49 -15.32
CA ASN A 74 1.13 -15.86 -15.76
C ASN A 74 0.84 -15.24 -17.11
N THR A 75 1.45 -14.11 -17.37
CA THR A 75 1.38 -13.47 -18.67
C THR A 75 2.20 -14.19 -19.74
N ASN A 76 3.39 -14.65 -19.39
CA ASN A 76 4.34 -15.10 -20.41
C ASN A 76 4.58 -16.58 -20.54
N LEU A 77 4.35 -17.36 -19.50
CA LEU A 77 4.58 -18.79 -19.62
C LEU A 77 3.50 -19.47 -20.42
N GLU A 78 3.88 -20.39 -21.29
CA GLU A 78 2.92 -21.30 -21.94
C GLU A 78 3.15 -22.71 -21.44
N THR A 79 2.33 -23.17 -20.52
CA THR A 79 2.53 -24.44 -19.88
C THR A 79 1.21 -24.87 -19.29
N ASN A 80 1.01 -26.16 -19.13
CA ASN A 80 -0.13 -26.67 -18.35
C ASN A 80 0.19 -26.81 -16.87
N VAL A 81 1.44 -26.52 -16.48
CA VAL A 81 1.83 -26.58 -15.07
C VAL A 81 1.29 -25.34 -14.41
N LYS A 82 0.54 -25.52 -13.35
CA LYS A 82 -0.08 -24.36 -12.67
C LYS A 82 0.87 -23.69 -11.72
N ILE A 83 0.75 -22.38 -11.62
CA ILE A 83 1.46 -21.62 -10.60
C ILE A 83 0.50 -20.65 -9.91
N PRO A 84 0.90 -20.06 -8.78
CA PRO A 84 -0.04 -19.12 -8.18
C PRO A 84 -0.43 -17.99 -9.09
N ASN A 85 -1.70 -17.66 -9.04
CA ASN A 85 -2.24 -16.53 -9.77
C ASN A 85 -2.95 -15.59 -8.81
N ILE A 86 -2.32 -14.46 -8.59
CA ILE A 86 -2.66 -13.61 -7.49
C ILE A 86 -3.99 -12.87 -7.80
N GLU A 87 -4.98 -13.11 -6.98
CA GLU A 87 -6.24 -12.43 -7.10
C GLU A 87 -6.38 -11.34 -6.08
N TYR A 88 -5.70 -11.48 -4.94
CA TYR A 88 -5.80 -10.51 -3.86
C TYR A 88 -4.40 -10.16 -3.40
N SER A 89 -4.13 -8.89 -3.23
CA SER A 89 -2.88 -8.50 -2.64
C SER A 89 -3.01 -7.22 -1.83
N TYR A 90 -2.36 -7.22 -0.66
CA TYR A 90 -2.15 -6.01 0.14
C TYR A 90 -0.69 -5.92 0.51
N ILE A 91 -0.04 -4.82 0.13
CA ILE A 91 1.34 -4.69 0.34
C ILE A 91 1.62 -3.36 0.95
N SER A 92 2.17 -3.40 2.16
CA SER A 92 2.60 -2.22 2.87
C SER A 92 3.92 -2.56 3.55
N ASP A 93 4.53 -1.57 4.15
CA ASP A 93 5.81 -1.77 4.83
C ASP A 93 5.69 -2.82 5.94
N GLU A 94 4.59 -2.75 6.71
CA GLU A 94 4.43 -3.53 7.92
C GLU A 94 3.68 -4.82 7.69
N LEU A 95 3.03 -4.98 6.53
CA LEU A 95 2.17 -6.14 6.30
C LEU A 95 2.00 -6.41 4.84
N SER A 96 2.17 -7.67 4.46
CA SER A 96 1.94 -8.11 3.10
C SER A 96 1.10 -9.35 3.09
N ILE A 97 0.13 -9.36 2.20
CA ILE A 97 -0.74 -10.49 2.00
C ILE A 97 -0.89 -10.77 0.51
N LEU A 98 -0.78 -12.04 0.13
CA LEU A 98 -1.06 -12.49 -1.24
C LEU A 98 -2.08 -13.58 -1.17
N GLY A 99 -3.15 -13.43 -1.93
CA GLY A 99 -4.15 -14.48 -2.00
C GLY A 99 -4.32 -15.01 -3.42
N TYR A 100 -4.44 -16.33 -3.51
CA TYR A 100 -4.62 -16.98 -4.78
C TYR A 100 -5.32 -18.29 -4.57
N LYS A 101 -5.94 -18.82 -5.64
CA LYS A 101 -6.57 -20.14 -5.55
C LYS A 101 -5.54 -21.27 -5.35
N GLU A 102 -5.78 -22.08 -4.32
CA GLU A 102 -4.96 -23.22 -3.98
C GLU A 102 -4.78 -24.10 -5.20
N ILE A 103 -3.53 -24.44 -5.52
CA ILE A 103 -3.29 -25.48 -6.48
C ILE A 103 -3.48 -26.83 -5.80
N LYS A 104 -4.27 -27.69 -6.43
CA LYS A 104 -4.61 -28.96 -5.81
C LYS A 104 -3.63 -30.02 -6.21
N GLY A 105 -3.23 -30.87 -5.27
CA GLY A 105 -2.35 -31.94 -5.59
C GLY A 105 -1.63 -32.42 -4.39
N THR A 106 -0.66 -33.31 -4.62
CA THR A 106 0.19 -33.85 -3.55
C THR A 106 1.63 -33.43 -3.80
N PHE A 107 2.28 -33.00 -2.74
CA PHE A 107 3.65 -32.53 -2.80
C PHE A 107 4.58 -33.70 -2.96
N LEU A 108 5.54 -33.53 -3.85
CA LEU A 108 6.53 -34.57 -4.09
C LEU A 108 7.38 -34.77 -2.86
N THR A 109 7.62 -36.03 -2.52
CA THR A 109 8.55 -36.41 -1.45
C THR A 109 9.40 -37.57 -1.93
N PRO A 110 10.54 -37.80 -1.28
CA PRO A 110 11.35 -38.99 -1.58
C PRO A 110 10.57 -40.29 -1.49
N GLU A 111 9.72 -40.40 -0.48
CA GLU A 111 8.95 -41.62 -0.31
C GLU A 111 8.07 -41.89 -1.51
N ILE A 112 7.39 -40.85 -1.97
CA ILE A 112 6.46 -40.98 -3.07
C ILE A 112 7.21 -41.32 -4.33
N TYR A 113 8.31 -40.64 -4.54
CA TYR A 113 9.10 -40.88 -5.75
C TYR A 113 9.48 -42.36 -5.84
N SER A 114 9.83 -42.94 -4.70
CA SER A 114 10.33 -44.30 -4.68
C SER A 114 9.24 -45.34 -4.98
N THR A 115 7.98 -44.95 -4.91
CA THR A 115 6.87 -45.84 -5.29
C THR A 115 6.49 -45.69 -6.75
N MET A 116 7.04 -44.69 -7.42
CA MET A 116 6.66 -44.45 -8.79
C MET A 116 7.33 -45.50 -9.70
N SER A 117 6.69 -45.87 -10.78
CA SER A 117 7.30 -46.72 -11.79
C SER A 117 8.40 -45.94 -12.48
N GLU A 118 9.32 -46.64 -13.14
CA GLU A 118 10.40 -45.98 -13.84
C GLU A 118 9.91 -44.96 -14.89
N GLU A 119 8.88 -45.37 -15.63
CA GLU A 119 8.27 -44.46 -16.59
C GLU A 119 7.70 -43.22 -15.86
N GLU A 120 6.94 -43.41 -14.79
CA GLU A 120 6.42 -42.27 -14.05
C GLU A 120 7.53 -41.35 -13.61
N GLN A 121 8.60 -41.92 -13.12
CA GLN A 121 9.73 -41.09 -12.73
C GLN A 121 10.31 -40.34 -13.90
N ASN A 122 10.46 -41.02 -15.01
CA ASN A 122 11.01 -40.36 -16.19
C ASN A 122 10.13 -39.18 -16.63
N LEU A 123 8.81 -39.39 -16.67
CA LEU A 123 7.88 -38.34 -17.11
C LEU A 123 7.91 -37.14 -16.16
N LEU A 124 7.99 -37.42 -14.85
CA LEU A 124 8.16 -36.34 -13.90
C LEU A 124 9.43 -35.53 -14.16
N LYS A 125 10.52 -36.24 -14.37
CA LYS A 125 11.76 -35.58 -14.64
C LYS A 125 11.63 -34.71 -15.91
N ARG A 126 11.05 -35.29 -16.95
CA ARG A 126 10.87 -34.57 -18.21
C ARG A 126 10.04 -33.33 -17.99
N ASP A 127 8.96 -33.47 -17.22
CA ASP A 127 8.10 -32.31 -16.97
C ASP A 127 8.92 -31.21 -16.29
N ILE A 128 9.78 -31.59 -15.37
CA ILE A 128 10.54 -30.61 -14.64
C ILE A 128 11.46 -29.91 -15.58
N ALA A 129 12.18 -30.71 -16.35
CA ALA A 129 13.18 -30.17 -17.25
C ALA A 129 12.54 -29.18 -18.16
N SER A 130 11.37 -29.57 -18.61
CA SER A 130 10.67 -28.84 -19.63
C SER A 130 10.14 -27.49 -19.08
N PHE A 131 9.65 -27.54 -17.87
CA PHE A 131 9.29 -26.33 -17.21
C PHE A 131 10.46 -25.36 -17.06
N LEU A 132 11.55 -25.87 -16.55
CA LEU A 132 12.73 -25.04 -16.31
C LEU A 132 13.30 -24.49 -17.61
N ARG A 133 13.27 -25.29 -18.66
CA ARG A 133 13.74 -24.82 -19.97
CA ARG A 133 13.75 -24.82 -19.97
C ARG A 133 12.88 -23.63 -20.41
N GLN A 134 11.58 -23.74 -20.23
CA GLN A 134 10.69 -22.70 -20.68
C GLN A 134 10.90 -21.43 -19.86
N MET A 135 11.00 -21.56 -18.54
CA MET A 135 11.10 -20.42 -17.69
C MET A 135 12.44 -19.70 -17.90
N HIS A 136 13.51 -20.49 -17.96
CA HIS A 136 14.87 -19.96 -18.16
C HIS A 136 15.06 -19.35 -19.51
N GLY A 137 14.25 -19.79 -20.46
CA GLY A 137 14.28 -19.20 -21.79
C GLY A 137 13.54 -17.89 -21.97
N LEU A 138 12.79 -17.43 -20.97
CA LEU A 138 11.98 -16.28 -21.15
C LEU A 138 12.82 -15.03 -21.26
N ASP A 139 12.42 -14.16 -22.20
CA ASP A 139 12.96 -12.82 -22.26
C ASP A 139 12.50 -12.12 -20.99
N TYR A 140 13.43 -11.79 -20.13
CA TYR A 140 13.13 -11.24 -18.79
C TYR A 140 13.21 -9.74 -18.69
N THR A 141 13.23 -9.07 -19.84
CA THR A 141 13.28 -7.61 -19.87
C THR A 141 12.23 -6.91 -18.96
N ASP A 142 11.00 -7.40 -19.02
CA ASP A 142 9.90 -6.76 -18.31
C ASP A 142 10.00 -6.82 -16.79
N ILE A 143 10.77 -7.77 -16.29
CA ILE A 143 11.15 -7.84 -14.87
C ILE A 143 12.67 -7.69 -14.69
N SER A 144 13.31 -6.88 -15.51
CA SER A 144 14.76 -6.77 -15.45
C SER A 144 15.23 -6.32 -14.07
N GLU A 145 14.33 -5.73 -13.29
CA GLU A 145 14.67 -5.17 -11.99
C GLU A 145 14.94 -6.26 -10.96
N CYS A 146 14.36 -7.43 -11.15
CA CYS A 146 14.47 -8.49 -10.16
C CYS A 146 15.80 -9.29 -10.30
N THR A 147 16.94 -8.61 -10.32
CA THR A 147 18.22 -9.28 -10.44
C THR A 147 18.76 -9.70 -9.10
N ILE A 148 19.51 -10.80 -9.08
CA ILE A 148 20.15 -11.29 -7.87
C ILE A 148 21.56 -11.72 -8.18
N ASP A 149 22.52 -11.14 -7.50
CA ASP A 149 23.92 -11.49 -7.66
C ASP A 149 24.31 -12.23 -6.38
N ASN A 150 24.40 -13.56 -6.44
CA ASN A 150 24.71 -14.35 -5.27
C ASN A 150 26.12 -14.10 -4.75
N LYS A 151 27.10 -13.94 -5.65
CA LYS A 151 28.48 -13.72 -5.17
C LYS A 151 28.57 -12.42 -4.37
N GLN A 152 28.03 -11.36 -4.95
CA GLN A 152 28.03 -10.06 -4.32
C GLN A 152 27.30 -10.09 -3.00
N ASN A 153 26.17 -10.78 -2.97
CA ASN A 153 25.41 -10.88 -1.74
C ASN A 153 26.24 -11.56 -0.66
N VAL A 154 26.93 -12.63 -1.00
CA VAL A 154 27.81 -13.29 -0.04
C VAL A 154 28.95 -12.38 0.45
N LEU A 155 29.54 -11.61 -0.46
CA LEU A 155 30.58 -10.67 -0.05
C LEU A 155 30.02 -9.68 0.94
N GLU A 156 28.83 -9.15 0.67
CA GLU A 156 28.19 -8.20 1.60
C GLU A 156 27.80 -8.84 2.93
N GLU A 157 27.41 -10.09 2.89
CA GLU A 157 27.12 -10.83 4.12
C GLU A 157 28.39 -11.09 4.93
N TYR A 158 29.50 -11.31 4.23
CA TYR A 158 30.77 -11.51 4.92
C TYR A 158 31.20 -10.21 5.61
N ILE A 159 31.01 -9.09 4.94
CA ILE A 159 31.34 -7.83 5.54
C ILE A 159 30.52 -7.62 6.82
N LEU A 160 29.24 -7.93 6.75
CA LEU A 160 28.36 -7.76 7.89
C LEU A 160 28.85 -8.63 9.03
N LEU A 161 29.26 -9.87 8.71
CA LEU A 161 29.87 -10.75 9.73
C LEU A 161 31.04 -10.09 10.37
N ARG A 162 31.93 -9.53 9.57
CA ARG A 162 33.14 -8.88 10.07
C ARG A 162 32.82 -7.70 10.95
N GLU A 163 31.74 -7.00 10.64
CA GLU A 163 31.33 -5.81 11.41
C GLU A 163 30.56 -6.15 12.68
N THR A 164 30.15 -7.40 12.84
CA THR A 164 29.33 -7.77 14.01
C THR A 164 30.02 -8.80 14.86
N ILE A 165 29.82 -10.08 14.57
CA ILE A 165 30.26 -11.12 15.51
C ILE A 165 31.50 -11.92 15.17
N TYR A 166 32.09 -11.62 14.02
CA TYR A 166 33.23 -12.40 13.54
C TYR A 166 34.29 -12.57 14.61
N ASN A 167 34.64 -11.48 15.28
CA ASN A 167 35.76 -11.49 16.22
C ASN A 167 35.52 -12.36 17.44
N ASP A 168 34.27 -12.65 17.73
CA ASP A 168 33.92 -13.54 18.84
C ASP A 168 33.75 -15.00 18.42
N LEU A 169 33.97 -15.33 17.15
CA LEU A 169 33.84 -16.71 16.73
C LEU A 169 35.06 -17.49 17.14
N THR A 170 34.92 -18.81 17.18
CA THR A 170 36.07 -19.68 17.44
C THR A 170 36.94 -19.79 16.20
N ASP A 171 38.14 -20.29 16.41
CA ASP A 171 39.05 -20.48 15.31
C ASP A 171 38.46 -21.43 14.29
N ILE A 172 37.80 -22.48 14.78
CA ILE A 172 37.23 -23.48 13.90
C ILE A 172 36.19 -22.85 13.00
N GLU A 173 35.41 -21.97 13.60
CA GLU A 173 34.34 -21.26 12.89
C GLU A 173 34.92 -20.28 11.88
N LYS A 174 35.94 -19.57 12.30
CA LYS A 174 36.61 -18.67 11.40
C LYS A 174 37.20 -19.40 10.23
N ASP A 175 37.86 -20.51 10.48
CA ASP A 175 38.49 -21.25 9.41
C ASP A 175 37.44 -21.79 8.42
N TYR A 176 36.28 -22.19 8.91
CA TYR A 176 35.26 -22.70 8.04
C TYR A 176 34.83 -21.57 7.09
N ILE A 177 34.64 -20.38 7.64
CA ILE A 177 34.21 -19.23 6.84
C ILE A 177 35.27 -18.80 5.83
N GLU A 178 36.52 -18.75 6.28
CA GLU A 178 37.60 -18.28 5.43
C GLU A 178 37.86 -19.28 4.34
N SER A 179 37.69 -20.55 4.66
CA SER A 179 37.93 -21.59 3.69
C SER A 179 36.82 -21.48 2.61
N PHE A 180 35.62 -21.19 3.05
CA PHE A 180 34.55 -20.94 2.10
C PHE A 180 34.82 -19.69 1.23
N MET A 181 35.26 -18.59 1.84
CA MET A 181 35.56 -17.37 1.08
C MET A 181 36.65 -17.63 0.04
N GLU A 182 37.62 -18.47 0.37
CA GLU A 182 38.71 -18.80 -0.57
C GLU A 182 38.15 -19.57 -1.79
N ARG A 183 37.21 -20.44 -1.50
CA ARG A 183 36.59 -21.19 -2.57
C ARG A 183 35.74 -20.29 -3.46
N LEU A 184 35.03 -19.37 -2.84
CA LEU A 184 34.21 -18.41 -3.55
C LEU A 184 35.01 -17.53 -4.51
N ASN A 185 36.20 -17.17 -4.10
CA ASN A 185 37.05 -16.34 -4.88
C ASN A 185 37.64 -17.08 -6.09
N ALA A 186 37.85 -18.38 -5.95
CA ALA A 186 38.49 -19.18 -6.98
C ALA A 186 37.47 -19.76 -7.99
N THR A 187 36.20 -19.86 -7.63
CA THR A 187 35.26 -20.54 -8.51
C THR A 187 34.92 -19.70 -9.73
N THR A 188 34.53 -20.39 -10.79
CA THR A 188 34.04 -19.75 -12.00
C THR A 188 32.52 -19.98 -12.20
N VAL A 189 31.85 -20.61 -11.26
CA VAL A 189 30.44 -20.96 -11.49
C VAL A 189 29.46 -19.78 -11.53
N PHE A 190 29.90 -18.56 -11.23
CA PHE A 190 29.04 -17.37 -11.40
C PHE A 190 29.15 -16.68 -12.74
N GLU A 191 29.98 -17.20 -13.61
CA GLU A 191 30.30 -16.48 -14.82
C GLU A 191 29.47 -16.96 -16.00
N GLY A 192 28.46 -17.76 -15.77
CA GLY A 192 27.68 -18.35 -16.87
C GLY A 192 26.38 -17.62 -17.13
N LYS A 193 25.47 -18.32 -17.79
CA LYS A 193 24.21 -17.77 -18.19
C LYS A 193 23.36 -17.34 -16.99
N LYS A 194 22.81 -16.14 -17.11
CA LYS A 194 21.87 -15.61 -16.20
C LYS A 194 20.51 -15.73 -16.81
N CYS A 195 19.52 -16.01 -15.98
CA CYS A 195 18.18 -16.05 -16.42
C CYS A 195 17.24 -16.07 -15.25
N LEU A 196 15.95 -15.98 -15.55
CA LEU A 196 14.95 -16.04 -14.54
C LEU A 196 14.85 -17.44 -13.97
N CYS A 197 15.05 -17.55 -12.67
CA CYS A 197 14.94 -18.84 -11.95
C CYS A 197 13.96 -18.77 -10.84
N HIS A 198 13.38 -19.92 -10.50
CA HIS A 198 12.50 -20.05 -9.36
C HIS A 198 13.26 -19.78 -8.06
N ASN A 199 14.44 -20.37 -8.00
CA ASN A 199 15.45 -20.13 -6.95
C ASN A 199 15.16 -20.69 -5.60
N ASP A 200 14.18 -21.57 -5.53
CA ASP A 200 13.93 -22.37 -4.28
C ASP A 200 13.24 -23.66 -4.72
N PHE A 201 13.85 -24.28 -5.73
CA PHE A 201 13.19 -25.30 -6.49
C PHE A 201 13.44 -26.67 -5.88
N SER A 202 12.73 -26.95 -4.81
CA SER A 202 12.87 -28.17 -4.06
C SER A 202 11.58 -28.91 -4.10
N CYS A 203 11.58 -30.17 -3.67
CA CYS A 203 10.35 -30.93 -3.90
C CYS A 203 9.16 -30.60 -3.03
N ASN A 204 9.36 -29.88 -1.94
CA ASN A 204 8.25 -29.39 -1.13
C ASN A 204 7.52 -28.21 -1.82
N HIS A 205 7.98 -27.82 -3.01
CA HIS A 205 7.31 -26.83 -3.81
C HIS A 205 6.75 -27.38 -5.10
N LEU A 206 6.81 -28.68 -5.29
CA LEU A 206 6.32 -29.30 -6.49
C LEU A 206 5.12 -30.14 -6.20
N LEU A 207 4.06 -29.91 -6.96
CA LEU A 207 2.80 -30.66 -6.77
C LEU A 207 2.57 -31.68 -7.86
N LEU A 208 2.12 -32.87 -7.45
CA LEU A 208 1.70 -33.95 -8.37
C LEU A 208 0.21 -34.14 -8.41
N ASP A 209 -0.30 -34.48 -9.60
CA ASP A 209 -1.70 -34.91 -9.76
C ASP A 209 -1.82 -36.39 -9.51
N GLY A 210 -3.01 -36.93 -9.72
CA GLY A 210 -3.31 -38.34 -9.36
C GLY A 210 -2.56 -39.39 -10.17
N ASN A 211 -2.03 -38.99 -11.32
CA ASN A 211 -1.16 -39.85 -12.14
C ASN A 211 0.33 -39.61 -11.90
N ASN A 212 0.65 -38.91 -10.82
CA ASN A 212 2.03 -38.58 -10.46
C ASN A 212 2.75 -37.74 -11.49
N ARG A 213 1.98 -36.94 -12.22
CA ARG A 213 2.59 -35.98 -13.13
C ARG A 213 2.63 -34.67 -12.46
N LEU A 214 3.56 -33.86 -12.90
CA LEU A 214 3.77 -32.55 -12.34
C LEU A 214 2.57 -31.70 -12.68
N THR A 215 1.88 -31.21 -11.67
CA THR A 215 0.69 -30.41 -11.92
C THR A 215 0.85 -28.96 -11.48
N GLY A 216 1.77 -28.69 -10.56
CA GLY A 216 1.94 -27.33 -10.11
C GLY A 216 3.23 -27.05 -9.42
N ILE A 217 3.55 -25.76 -9.37
CA ILE A 217 4.72 -25.27 -8.69
C ILE A 217 4.36 -24.01 -7.92
N ILE A 218 4.81 -23.96 -6.67
CA ILE A 218 4.51 -22.86 -5.76
C ILE A 218 5.76 -22.18 -5.24
N ASP A 219 5.55 -21.09 -4.53
CA ASP A 219 6.61 -20.37 -3.80
C ASP A 219 7.73 -19.88 -4.71
N PHE A 220 7.40 -18.87 -5.51
CA PHE A 220 8.38 -18.19 -6.33
C PHE A 220 8.85 -16.99 -5.57
N GLY A 221 8.78 -17.05 -4.24
CA GLY A 221 9.20 -15.95 -3.38
C GLY A 221 10.69 -15.56 -3.35
N ASP A 222 11.56 -16.38 -3.91
CA ASP A 222 12.98 -16.06 -4.00
C ASP A 222 13.43 -15.87 -5.43
N SER A 223 12.47 -15.88 -6.35
CA SER A 223 12.78 -15.88 -7.79
C SER A 223 13.40 -14.63 -8.23
N GLY A 224 14.23 -14.75 -9.24
CA GLY A 224 14.93 -13.60 -9.81
C GLY A 224 15.83 -14.00 -10.94
N ILE A 225 16.50 -13.01 -11.48
CA ILE A 225 17.39 -13.20 -12.59
C ILE A 225 18.74 -13.45 -11.97
N ILE A 226 19.25 -14.63 -12.22
CA ILE A 226 20.35 -15.20 -11.43
C ILE A 226 21.01 -16.30 -12.24
N ASP A 227 22.04 -16.92 -11.73
CA ASP A 227 22.65 -18.03 -12.46
C ASP A 227 21.65 -19.13 -12.81
N GLU A 228 21.69 -19.53 -14.09
CA GLU A 228 20.95 -20.68 -14.57
C GLU A 228 21.13 -21.91 -13.63
N TYR A 229 22.33 -22.09 -13.10
CA TYR A 229 22.63 -23.25 -12.22
C TYR A 229 21.76 -23.30 -10.96
N CYS A 230 21.22 -22.16 -10.53
CA CYS A 230 20.50 -22.07 -9.26
C CYS A 230 19.33 -22.97 -9.15
N ASP A 231 18.64 -23.22 -10.25
CA ASP A 231 17.46 -24.00 -10.17
C ASP A 231 17.73 -25.47 -10.07
N PHE A 232 18.99 -25.87 -10.00
CA PHE A 232 19.32 -27.30 -9.86
C PHE A 232 19.88 -27.66 -8.51
N ILE A 233 19.99 -26.65 -7.66
CA ILE A 233 20.66 -26.80 -6.37
C ILE A 233 20.01 -27.79 -5.45
N TYR A 234 18.69 -27.84 -5.46
CA TYR A 234 17.99 -28.74 -4.60
C TYR A 234 17.67 -30.02 -5.33
N LEU A 235 17.54 -29.96 -6.63
CA LEU A 235 17.40 -31.19 -7.40
C LEU A 235 18.67 -32.06 -7.31
N LEU A 236 19.82 -31.42 -7.17
CA LEU A 236 21.10 -32.12 -6.99
C LEU A 236 21.40 -32.46 -5.55
N GLU A 237 20.55 -32.02 -4.63
CA GLU A 237 20.86 -32.17 -3.18
C GLU A 237 20.70 -33.60 -2.75
N ASP A 238 21.64 -34.02 -1.93
CA ASP A 238 21.62 -35.31 -1.32
C ASP A 238 21.30 -35.10 0.16
N SER A 239 20.04 -35.36 0.53
CA SER A 239 19.55 -35.16 1.89
C SER A 239 18.23 -35.85 2.10
N GLU A 240 17.76 -35.87 3.33
CA GLU A 240 16.47 -36.50 3.65
C GLU A 240 15.30 -35.79 3.03
N GLU A 241 15.43 -34.50 2.85
CA GLU A 241 14.36 -33.70 2.25
C GLU A 241 14.22 -33.87 0.75
N GLU A 242 15.32 -34.20 0.06
CA GLU A 242 15.31 -34.19 -1.40
C GLU A 242 15.49 -35.61 -1.92
N ILE A 243 15.27 -35.77 -3.21
CA ILE A 243 15.28 -37.07 -3.83
C ILE A 243 16.66 -37.68 -4.02
N GLY A 244 17.60 -36.90 -4.53
CA GLY A 244 19.00 -37.35 -4.62
C GLY A 244 19.71 -36.83 -5.85
N THR A 245 21.02 -36.89 -5.79
CA THR A 245 21.89 -36.42 -6.87
C THR A 245 21.52 -36.97 -8.24
N ASN A 246 21.15 -38.23 -8.33
CA ASN A 246 20.85 -38.80 -9.63
C ASN A 246 19.61 -38.21 -10.28
N PHE A 247 18.68 -37.80 -9.44
CA PHE A 247 17.45 -37.15 -9.89
C PHE A 247 17.78 -35.86 -10.61
N GLY A 248 18.58 -35.03 -9.96
CA GLY A 248 19.07 -33.81 -10.58
C GLY A 248 19.97 -34.01 -11.82
N GLU A 249 20.85 -35.00 -11.77
CA GLU A 249 21.70 -35.29 -12.91
C GLU A 249 20.84 -35.62 -14.11
N ASP A 250 19.87 -36.52 -13.91
CA ASP A 250 19.04 -36.96 -14.99
C ASP A 250 18.29 -35.75 -15.54
N ILE A 251 17.81 -34.90 -14.65
CA ILE A 251 17.04 -33.74 -15.09
C ILE A 251 17.90 -32.79 -15.89
N LEU A 252 19.14 -32.63 -15.44
CA LEU A 252 20.10 -31.83 -16.18
C LEU A 252 20.35 -32.40 -17.57
N ARG A 253 20.46 -33.70 -17.68
CA ARG A 253 20.67 -34.31 -19.01
C ARG A 253 19.49 -34.05 -19.94
N MET A 254 18.30 -34.14 -19.40
CA MET A 254 17.09 -33.88 -20.19
C MET A 254 17.00 -32.42 -20.56
N TYR A 255 17.39 -31.57 -19.64
CA TYR A 255 17.36 -30.11 -19.87
C TYR A 255 18.31 -29.69 -20.98
N GLY A 256 19.50 -30.27 -20.97
CA GLY A 256 20.47 -30.08 -22.02
C GLY A 256 21.19 -28.75 -22.03
N ASN A 257 22.31 -28.70 -22.74
CA ASN A 257 23.10 -27.49 -22.93
C ASN A 257 23.46 -26.81 -21.64
N ILE A 258 23.98 -27.61 -20.74
CA ILE A 258 24.41 -27.08 -19.48
C ILE A 258 25.49 -27.96 -18.91
N ASP A 259 26.49 -27.29 -18.38
CA ASP A 259 27.64 -27.96 -17.85
C ASP A 259 27.30 -28.58 -16.51
N ILE A 260 27.14 -29.90 -16.50
CA ILE A 260 26.67 -30.60 -15.32
C ILE A 260 27.63 -30.49 -14.17
N GLU A 261 28.91 -30.56 -14.48
CA GLU A 261 29.92 -30.49 -13.44
C GLU A 261 29.89 -29.13 -12.74
N LYS A 262 29.74 -28.06 -13.51
CA LYS A 262 29.57 -26.77 -12.88
C LYS A 262 28.27 -26.65 -12.12
N ALA A 263 27.19 -27.24 -12.61
CA ALA A 263 25.99 -27.23 -11.78
C ALA A 263 26.23 -27.86 -10.42
N LYS A 264 27.00 -28.94 -10.40
CA LYS A 264 27.25 -29.64 -9.15
C LYS A 264 28.17 -28.87 -8.26
N GLU A 265 29.13 -28.22 -8.87
CA GLU A 265 30.00 -27.34 -8.10
C GLU A 265 29.17 -26.23 -7.43
N TYR A 266 28.30 -25.59 -8.19
CA TYR A 266 27.44 -24.52 -7.66
C TYR A 266 26.65 -25.01 -6.50
N GLN A 267 26.03 -26.17 -6.66
CA GLN A 267 25.27 -26.74 -5.56
C GLN A 267 26.15 -26.99 -4.32
N ASP A 268 27.35 -27.48 -4.55
CA ASP A 268 28.21 -27.84 -3.47
C ASP A 268 28.66 -26.58 -2.69
N ILE A 269 28.89 -25.51 -3.42
CA ILE A 269 29.23 -24.23 -2.85
C ILE A 269 28.08 -23.66 -2.02
N VAL A 270 26.88 -23.68 -2.58
CA VAL A 270 25.70 -23.21 -1.83
C VAL A 270 25.46 -24.07 -0.61
N GLU A 271 25.67 -25.37 -0.70
CA GLU A 271 25.54 -26.19 0.52
C GLU A 271 26.63 -25.86 1.56
N GLU A 272 27.83 -25.56 1.11
CA GLU A 272 28.87 -25.20 2.06
C GLU A 272 28.48 -23.92 2.77
N TYR A 273 27.86 -23.01 2.03
CA TYR A 273 27.47 -21.71 2.59
C TYR A 273 26.34 -21.74 3.65
N TYR A 274 25.52 -22.78 3.60
CA TYR A 274 24.27 -22.85 4.40
C TYR A 274 24.37 -22.50 5.87
N PRO A 275 25.34 -23.07 6.59
CA PRO A 275 25.47 -22.67 7.99
C PRO A 275 25.83 -21.21 8.16
N ILE A 276 26.53 -20.65 7.19
CA ILE A 276 26.95 -19.23 7.30
C ILE A 276 25.74 -18.38 7.03
N GLU A 277 24.97 -18.79 6.04
CA GLU A 277 23.73 -18.07 5.70
C GLU A 277 22.76 -18.09 6.89
N THR A 278 22.77 -19.20 7.62
CA THR A 278 21.93 -19.34 8.80
C THR A 278 22.36 -18.34 9.86
N ILE A 279 23.66 -18.23 10.05
CA ILE A 279 24.23 -17.27 11.02
C ILE A 279 23.85 -15.85 10.65
N VAL A 280 24.03 -15.52 9.38
CA VAL A 280 23.77 -14.16 8.88
C VAL A 280 22.28 -13.75 9.07
N TYR A 281 21.39 -14.67 8.77
CA TYR A 281 19.98 -14.50 9.01
C TYR A 281 19.72 -14.15 10.48
N GLY A 282 20.36 -14.86 11.39
CA GLY A 282 20.21 -14.59 12.82
C GLY A 282 20.69 -13.20 13.22
N ILE A 283 21.77 -12.76 12.61
CA ILE A 283 22.29 -11.42 12.88
C ILE A 283 21.30 -10.39 12.35
N LYS A 284 20.91 -10.57 11.10
CA LYS A 284 20.08 -9.59 10.42
C LYS A 284 18.75 -9.44 11.10
N ASN A 285 18.23 -10.52 11.66
CA ASN A 285 16.88 -10.52 12.28
C ASN A 285 16.94 -10.56 13.80
N ILE A 286 18.12 -10.42 14.35
CA ILE A 286 18.28 -10.41 15.78
C ILE A 286 17.65 -11.66 16.39
N LYS A 287 18.06 -12.81 15.88
CA LYS A 287 17.62 -14.07 16.44
C LYS A 287 18.81 -14.97 16.74
N GLN A 288 19.21 -14.91 18.01
CA GLN A 288 20.31 -15.71 18.55
C GLN A 288 20.24 -17.21 18.22
N GLU A 289 19.04 -17.72 18.22
CA GLU A 289 18.76 -19.12 17.96
C GLU A 289 19.45 -19.55 16.67
N PHE A 290 19.37 -18.71 15.64
CA PHE A 290 19.90 -19.03 14.33
C PHE A 290 21.39 -18.89 14.30
N ILE A 291 21.90 -17.90 15.03
CA ILE A 291 23.34 -17.73 15.13
C ILE A 291 23.94 -19.00 15.73
N GLU A 292 23.35 -19.46 16.82
CA GLU A 292 23.77 -20.65 17.49
C GLU A 292 23.63 -21.88 16.59
N ASN A 293 22.51 -22.03 15.90
CA ASN A 293 22.30 -23.21 15.04
C ASN A 293 23.39 -23.34 13.97
N GLY A 294 23.70 -22.21 13.35
CA GLY A 294 24.64 -22.18 12.26
C GLY A 294 26.05 -22.47 12.71
N ARG A 295 26.42 -21.96 13.87
CA ARG A 295 27.75 -22.24 14.42
C ARG A 295 27.87 -23.71 14.78
N LYS A 296 26.83 -24.24 15.40
CA LYS A 296 26.81 -25.66 15.72
C LYS A 296 26.92 -26.51 14.45
N GLU A 297 26.29 -26.06 13.39
CA GLU A 297 26.30 -26.84 12.14
C GLU A 297 27.70 -26.87 11.50
N ILE A 298 28.44 -25.79 11.71
CA ILE A 298 29.82 -25.73 11.27
C ILE A 298 30.64 -26.87 11.94
N TYR A 299 30.43 -27.08 13.25
CA TYR A 299 31.10 -28.13 13.97
C TYR A 299 30.65 -29.52 13.49
N LYS A 300 29.37 -29.69 13.22
CA LYS A 300 28.91 -30.99 12.77
C LYS A 300 29.51 -31.30 11.41
N ARG A 301 29.53 -30.32 10.52
CA ARG A 301 30.19 -30.48 9.20
C ARG A 301 31.73 -30.71 9.32
N THR A 302 32.38 -29.96 10.21
CA THR A 302 33.83 -30.07 10.41
C THR A 302 34.23 -31.45 10.90
N TYR A 303 33.40 -32.09 11.72
CA TYR A 303 33.76 -33.40 12.26
C TYR A 303 33.18 -34.60 11.48
N LYS A 304 32.57 -34.38 10.31
CA LYS A 304 31.89 -35.47 9.53
C LYS A 304 32.66 -36.81 9.33
N ALA B 9 4.28 -15.94 19.41
CA ALA B 9 5.06 -14.97 18.57
C ALA B 9 4.23 -14.38 17.43
N THR B 10 3.40 -15.20 16.80
CA THR B 10 2.62 -14.73 15.67
C THR B 10 1.39 -13.91 16.08
N ASN B 11 0.72 -14.31 17.16
CA ASN B 11 -0.52 -13.62 17.61
C ASN B 11 -0.17 -12.19 18.02
N VAL B 12 0.96 -12.14 18.70
CA VAL B 12 1.53 -10.93 19.19
C VAL B 12 1.89 -9.93 18.06
N LYS B 13 2.48 -10.45 16.98
CA LYS B 13 2.82 -9.65 15.80
C LYS B 13 1.63 -8.98 15.15
N ALA B 14 0.57 -9.75 14.97
CA ALA B 14 -0.67 -9.19 14.47
C ALA B 14 -1.23 -8.09 15.37
N MET B 15 -1.23 -8.34 16.67
CA MET B 15 -1.87 -7.38 17.58
C MET B 15 -1.02 -6.13 17.68
N LYS B 16 0.30 -6.33 17.65
CA LYS B 16 1.23 -5.20 17.60
C LYS B 16 0.93 -4.32 16.41
N TYR B 17 0.77 -4.96 15.25
CA TYR B 17 0.38 -4.25 14.04
C TYR B 17 -0.90 -3.47 14.24
N LEU B 18 -1.93 -4.12 14.77
CA LEU B 18 -3.22 -3.44 14.92
C LEU B 18 -3.16 -2.27 15.90
N ILE B 19 -2.46 -2.45 17.00
CA ILE B 19 -2.29 -1.37 17.96
C ILE B 19 -1.63 -0.17 17.32
N GLU B 20 -0.51 -0.41 16.67
CA GLU B 20 0.24 0.66 16.06
C GLU B 20 -0.50 1.31 14.91
N HIS B 21 -1.39 0.56 14.28
CA HIS B 21 -2.17 1.02 13.13
C HIS B 21 -3.38 1.83 13.57
N TYR B 22 -4.03 1.41 14.65
CA TYR B 22 -5.24 2.10 15.13
C TYR B 22 -4.97 3.26 16.09
N PHE B 23 -3.86 3.18 16.81
CA PHE B 23 -3.47 4.25 17.72
C PHE B 23 -2.23 4.90 17.19
N ASP B 24 -2.49 5.91 16.38
CA ASP B 24 -1.48 6.41 15.45
C ASP B 24 -0.09 6.80 16.05
N ASN B 25 0.02 7.29 17.28
CA ASN B 25 1.34 7.64 17.80
C ASN B 25 1.83 6.66 18.84
N PHE B 26 1.25 5.46 18.85
CA PHE B 26 1.61 4.48 19.85
C PHE B 26 2.69 3.55 19.34
N LYS B 27 3.76 3.41 20.09
CA LYS B 27 4.84 2.51 19.73
C LYS B 27 4.91 1.32 20.67
N VAL B 28 4.91 0.13 20.09
CA VAL B 28 5.06 -1.08 20.88
C VAL B 28 6.54 -1.52 20.95
N ASP B 29 7.17 -1.29 22.08
CA ASP B 29 8.52 -1.80 22.33
C ASP B 29 8.49 -3.22 22.82
N SER B 30 7.42 -3.64 23.48
CA SER B 30 7.28 -5.03 23.94
C SER B 30 5.84 -5.36 24.07
N ILE B 31 5.53 -6.63 23.94
CA ILE B 31 4.15 -7.10 23.96
C ILE B 31 4.14 -8.60 24.25
N GLU B 32 3.41 -9.00 25.29
CA GLU B 32 3.22 -10.40 25.61
C GLU B 32 1.75 -10.63 25.99
N ILE B 33 1.29 -11.84 25.75
CA ILE B 33 -0.04 -12.27 26.13
C ILE B 33 -0.07 -12.54 27.64
N ILE B 34 -1.01 -11.92 28.35
CA ILE B 34 -1.13 -12.17 29.79
C ILE B 34 -2.38 -12.89 30.16
N GLY B 35 -3.34 -12.87 29.28
CA GLY B 35 -4.55 -13.57 29.54
C GLY B 35 -5.30 -13.88 28.30
N SER B 36 -6.14 -14.87 28.42
CA SER B 36 -6.91 -15.30 27.30
C SER B 36 -8.22 -15.89 27.77
N GLY B 37 -9.31 -15.29 27.30
CA GLY B 37 -10.63 -15.91 27.37
C GLY B 37 -10.73 -16.85 26.18
N TYR B 38 -11.92 -17.38 25.91
CA TYR B 38 -12.07 -18.16 24.71
C TYR B 38 -12.50 -17.25 23.54
N ASP B 39 -12.89 -16.01 23.86
CA ASP B 39 -13.42 -15.05 22.88
C ASP B 39 -12.46 -13.90 22.67
N SER B 40 -11.43 -13.85 23.49
CA SER B 40 -10.72 -12.59 23.64
C SER B 40 -9.28 -12.88 24.04
N VAL B 41 -8.43 -11.91 23.87
CA VAL B 41 -7.06 -12.03 24.31
C VAL B 41 -6.65 -10.72 24.92
N ALA B 42 -5.91 -10.81 26.01
CA ALA B 42 -5.36 -9.66 26.67
C ALA B 42 -3.82 -9.67 26.66
N TYR B 43 -3.27 -8.50 26.46
CA TYR B 43 -1.87 -8.31 26.23
C TYR B 43 -1.29 -7.31 27.17
N LEU B 44 -0.08 -7.58 27.64
CA LEU B 44 0.72 -6.58 28.38
C LEU B 44 1.71 -5.92 27.44
N VAL B 45 1.56 -4.62 27.27
CA VAL B 45 2.33 -3.86 26.30
C VAL B 45 3.25 -2.88 27.00
N ASN B 46 4.54 -2.89 26.61
CA ASN B 46 5.57 -2.00 27.20
C ASN B 46 5.70 -2.14 28.71
N ASN B 47 5.36 -3.32 29.21
CA ASN B 47 5.33 -3.59 30.64
C ASN B 47 4.50 -2.61 31.45
N GLU B 48 3.58 -1.93 30.78
CA GLU B 48 2.84 -0.82 31.39
C GLU B 48 1.32 -0.79 31.09
N TYR B 49 0.94 -1.22 29.89
CA TYR B 49 -0.45 -1.12 29.39
C TYR B 49 -1.06 -2.46 29.20
N ILE B 50 -2.32 -2.60 29.64
CA ILE B 50 -3.14 -3.75 29.28
C ILE B 50 -3.88 -3.36 28.01
N PHE B 51 -3.80 -4.21 26.98
CA PHE B 51 -4.72 -4.14 25.87
C PHE B 51 -5.60 -5.38 25.83
N LYS B 52 -6.90 -5.17 26.03
CA LYS B 52 -7.91 -6.20 25.91
C LYS B 52 -8.44 -6.15 24.49
N THR B 53 -8.55 -7.29 23.81
CA THR B 53 -9.00 -7.29 22.45
C THR B 53 -9.95 -8.39 22.18
N LYS B 54 -10.83 -8.13 21.23
CA LYS B 54 -11.84 -9.10 20.90
C LYS B 54 -12.23 -8.93 19.42
N PHE B 55 -12.43 -10.02 18.72
CA PHE B 55 -13.03 -9.98 17.40
C PHE B 55 -14.51 -10.31 17.48
N SER B 56 -15.38 -9.33 17.32
CA SER B 56 -16.84 -9.62 17.35
C SER B 56 -17.42 -9.71 15.93
N LYS B 61 -21.76 -7.58 20.02
CA LYS B 61 -21.08 -8.45 21.00
C LYS B 61 -19.59 -8.04 21.27
N GLY B 62 -19.35 -6.72 21.33
CA GLY B 62 -18.02 -6.10 21.61
C GLY B 62 -17.95 -5.22 22.91
N TYR B 63 -16.99 -4.30 22.93
CA TYR B 63 -16.54 -3.60 24.15
C TYR B 63 -17.14 -2.19 24.42
N ALA B 64 -18.13 -1.80 23.65
CA ALA B 64 -18.73 -0.47 23.85
C ALA B 64 -19.32 -0.28 25.22
N LYS B 65 -20.05 -1.27 25.71
CA LYS B 65 -20.69 -1.13 27.07
C LYS B 65 -19.63 -1.09 28.12
N GLU B 66 -18.65 -1.98 27.99
CA GLU B 66 -17.61 -2.07 29.00
C GLU B 66 -16.91 -0.70 29.11
N LYS B 67 -16.62 -0.09 27.96
CA LYS B 67 -16.05 1.24 27.93
C LYS B 67 -16.94 2.28 28.58
N ALA B 68 -18.22 2.28 28.21
CA ALA B 68 -19.17 3.23 28.82
C ALA B 68 -19.18 3.05 30.32
N ILE B 69 -18.99 1.81 30.77
CA ILE B 69 -19.06 1.56 32.19
C ILE B 69 -17.84 2.07 32.93
N TYR B 70 -16.65 1.82 32.41
CA TYR B 70 -15.41 2.37 33.01
C TYR B 70 -15.46 3.90 33.06
N ASN B 71 -15.99 4.52 32.02
CA ASN B 71 -16.04 5.94 31.97
C ASN B 71 -17.05 6.43 33.01
N PHE B 72 -18.20 5.77 33.10
CA PHE B 72 -19.18 6.16 34.10
C PHE B 72 -18.62 6.04 35.50
N LEU B 73 -17.94 4.92 35.76
CA LEU B 73 -17.43 4.68 37.10
C LEU B 73 -16.29 5.62 37.47
N ASN B 74 -15.40 5.92 36.52
CA ASN B 74 -14.21 6.72 36.84
C ASN B 74 -14.64 8.12 37.14
N THR B 75 -15.73 8.53 36.52
CA THR B 75 -16.39 9.80 36.81
C THR B 75 -17.08 9.82 38.20
N ASN B 76 -17.78 8.76 38.57
CA ASN B 76 -18.71 8.82 39.68
C ASN B 76 -18.29 8.09 40.93
N LEU B 77 -17.44 7.08 40.84
CA LEU B 77 -17.00 6.42 42.07
C LEU B 77 -16.02 7.24 42.86
N GLU B 78 -16.18 7.29 44.17
CA GLU B 78 -15.17 7.85 45.05
C GLU B 78 -14.59 6.72 45.90
N THR B 79 -13.42 6.24 45.55
CA THR B 79 -12.84 5.11 46.21
C THR B 79 -11.36 5.11 45.97
N ASN B 80 -10.58 4.50 46.84
CA ASN B 80 -9.16 4.33 46.59
C ASN B 80 -8.85 3.05 45.83
N VAL B 81 -9.89 2.26 45.56
CA VAL B 81 -9.72 1.05 44.78
C VAL B 81 -9.61 1.42 43.31
N LYS B 82 -8.57 0.95 42.65
CA LYS B 82 -8.36 1.26 41.25
C LYS B 82 -9.16 0.36 40.32
N ILE B 83 -9.64 0.95 39.23
CA ILE B 83 -10.28 0.20 38.16
C ILE B 83 -9.70 0.65 36.82
N PRO B 84 -9.95 -0.13 35.78
CA PRO B 84 -9.39 0.31 34.52
C PRO B 84 -9.86 1.70 34.15
N ASN B 85 -8.94 2.47 33.60
CA ASN B 85 -9.23 3.78 33.06
C ASN B 85 -8.76 3.84 31.61
N ILE B 86 -9.74 3.87 30.72
CA ILE B 86 -9.49 3.63 29.33
C ILE B 86 -8.83 4.81 28.65
N GLU B 87 -7.64 4.60 28.13
CA GLU B 87 -6.91 5.64 27.41
C GLU B 87 -6.91 5.44 25.91
N TYR B 88 -7.12 4.21 25.46
CA TYR B 88 -7.17 3.89 24.03
C TYR B 88 -8.34 3.00 23.79
N SER B 89 -9.13 3.31 22.78
CA SER B 89 -10.20 2.41 22.41
C SER B 89 -10.43 2.46 20.92
N TYR B 90 -10.62 1.27 20.34
CA TYR B 90 -11.10 1.13 18.99
C TYR B 90 -12.27 0.18 19.07
N ILE B 91 -13.42 0.62 18.59
CA ILE B 91 -14.59 -0.19 18.62
C ILE B 91 -15.26 -0.20 17.26
N SER B 92 -15.39 -1.40 16.71
CA SER B 92 -16.08 -1.61 15.47
C SER B 92 -16.83 -2.91 15.62
N ASP B 93 -17.63 -3.23 14.62
CA ASP B 93 -18.43 -4.46 14.66
C ASP B 93 -17.55 -5.69 14.78
N GLU B 94 -16.44 -5.71 14.04
CA GLU B 94 -15.63 -6.89 13.90
CA GLU B 94 -15.62 -6.89 13.88
C GLU B 94 -14.43 -6.92 14.84
N LEU B 95 -14.13 -5.81 15.50
CA LEU B 95 -12.91 -5.72 16.32
C LEU B 95 -13.06 -4.67 17.37
N SER B 96 -12.72 -5.03 18.60
CA SER B 96 -12.72 -4.09 19.72
C SER B 96 -11.43 -4.22 20.51
N ILE B 97 -10.87 -3.06 20.82
CA ILE B 97 -9.66 -2.97 21.59
C ILE B 97 -9.86 -1.92 22.67
N LEU B 98 -9.48 -2.27 23.91
CA LEU B 98 -9.43 -1.31 25.03
C LEU B 98 -8.07 -1.35 25.61
N GLY B 99 -7.47 -0.19 25.72
CA GLY B 99 -6.16 -0.08 26.35
C GLY B 99 -6.21 0.82 27.60
N TYR B 100 -5.52 0.39 28.65
CA TYR B 100 -5.47 1.11 29.88
C TYR B 100 -4.24 0.73 30.63
N LYS B 101 -3.79 1.58 31.55
CA LYS B 101 -2.62 1.29 32.35
C LYS B 101 -2.89 0.11 33.30
N GLU B 102 -2.02 -0.87 33.25
CA GLU B 102 -2.06 -2.04 34.12
C GLU B 102 -2.18 -1.65 35.59
N ILE B 103 -3.15 -2.21 36.29
CA ILE B 103 -3.22 -2.09 37.74
C ILE B 103 -2.26 -3.10 38.35
N LYS B 104 -1.34 -2.61 39.16
CA LYS B 104 -0.26 -3.45 39.69
C LYS B 104 -0.79 -4.14 40.94
N GLY B 105 -0.48 -5.40 41.08
CA GLY B 105 -0.85 -6.14 42.29
C GLY B 105 -0.85 -7.62 42.05
N THR B 106 -1.30 -8.36 43.05
CA THR B 106 -1.42 -9.83 43.00
C THR B 106 -2.91 -10.21 43.11
N PHE B 107 -3.33 -11.12 42.26
CA PHE B 107 -4.69 -11.54 42.23
C PHE B 107 -5.00 -12.40 43.41
N LEU B 108 -6.15 -12.16 44.02
CA LEU B 108 -6.60 -12.96 45.14
C LEU B 108 -6.84 -14.40 44.72
N THR B 109 -6.38 -15.34 45.54
CA THR B 109 -6.67 -16.78 45.36
C THR B 109 -6.98 -17.37 46.72
N PRO B 110 -7.64 -18.54 46.75
CA PRO B 110 -7.85 -19.25 48.00
C PRO B 110 -6.59 -19.53 48.79
N GLU B 111 -5.53 -19.94 48.10
CA GLU B 111 -4.27 -20.19 48.78
C GLU B 111 -3.77 -18.93 49.51
N ILE B 112 -3.79 -17.80 48.82
CA ILE B 112 -3.30 -16.56 49.41
C ILE B 112 -4.14 -16.15 50.60
N TYR B 113 -5.45 -16.25 50.43
CA TYR B 113 -6.39 -15.87 51.50
C TYR B 113 -6.08 -16.65 52.76
N SER B 114 -5.75 -17.93 52.60
CA SER B 114 -5.54 -18.78 53.74
C SER B 114 -4.25 -18.44 54.51
N THR B 115 -3.36 -17.68 53.89
CA THR B 115 -2.13 -17.24 54.55
C THR B 115 -2.29 -15.86 55.20
N MET B 116 -3.39 -15.19 54.95
CA MET B 116 -3.58 -13.89 55.48
C MET B 116 -3.87 -14.01 56.95
N SER B 117 -3.42 -13.02 57.72
CA SER B 117 -3.81 -12.93 59.11
C SER B 117 -5.31 -12.68 59.20
N GLU B 118 -5.90 -13.02 60.33
CA GLU B 118 -7.33 -12.82 60.54
C GLU B 118 -7.74 -11.33 60.32
N GLU B 119 -6.88 -10.42 60.81
CA GLU B 119 -7.07 -8.98 60.65
C GLU B 119 -7.04 -8.60 59.15
N GLU B 120 -6.03 -9.08 58.43
CA GLU B 120 -5.99 -8.91 56.97
C GLU B 120 -7.26 -9.45 56.25
N GLN B 121 -7.75 -10.60 56.64
CA GLN B 121 -8.95 -11.11 56.01
C GLN B 121 -10.14 -10.24 56.33
N ASN B 122 -10.26 -9.82 57.58
CA ASN B 122 -11.37 -8.96 57.94
C ASN B 122 -11.38 -7.66 57.14
N LEU B 123 -10.20 -7.06 56.98
CA LEU B 123 -10.04 -5.81 56.21
C LEU B 123 -10.41 -6.04 54.75
N LEU B 124 -9.98 -7.14 54.20
CA LEU B 124 -10.30 -7.40 52.84
C LEU B 124 -11.85 -7.51 52.66
N LYS B 125 -12.50 -8.21 53.57
CA LYS B 125 -13.93 -8.40 53.52
C LYS B 125 -14.64 -7.06 53.64
N ARG B 126 -14.20 -6.24 54.58
CA ARG B 126 -14.73 -4.87 54.73
C ARG B 126 -14.52 -4.03 53.47
N ASP B 127 -13.33 -4.09 52.89
CA ASP B 127 -13.07 -3.34 51.69
C ASP B 127 -14.03 -3.78 50.57
N ILE B 128 -14.26 -5.06 50.46
CA ILE B 128 -15.09 -5.54 49.37
C ILE B 128 -16.52 -5.04 49.61
N ALA B 129 -16.98 -5.16 50.84
CA ALA B 129 -18.37 -4.81 51.17
C ALA B 129 -18.59 -3.34 50.90
N SER B 130 -17.56 -2.60 51.21
CA SER B 130 -17.60 -1.16 51.05
C SER B 130 -17.56 -0.73 49.55
N PHE B 131 -16.73 -1.39 48.77
CA PHE B 131 -16.72 -1.11 47.34
C PHE B 131 -18.09 -1.41 46.69
N LEU B 132 -18.65 -2.57 47.01
CA LEU B 132 -19.90 -2.98 46.44
C LEU B 132 -21.04 -2.06 46.89
N ARG B 133 -21.01 -1.62 48.15
CA ARG B 133 -22.02 -0.70 48.68
C ARG B 133 -21.99 0.60 47.89
N GLN B 134 -20.81 1.11 47.65
CA GLN B 134 -20.69 2.34 46.91
C GLN B 134 -21.18 2.18 45.50
N MET B 135 -20.80 1.09 44.85
CA MET B 135 -21.10 0.95 43.41
C MET B 135 -22.60 0.73 43.23
N HIS B 136 -23.16 -0.12 44.08
CA HIS B 136 -24.56 -0.44 44.02
C HIS B 136 -25.44 0.72 44.40
N GLY B 137 -24.89 1.65 45.17
CA GLY B 137 -25.60 2.85 45.54
C GLY B 137 -25.55 3.95 44.49
N LEU B 138 -24.85 3.79 43.39
CA LEU B 138 -24.78 4.86 42.41
C LEU B 138 -26.04 5.09 41.63
N ASP B 139 -26.36 6.37 41.42
CA ASP B 139 -27.44 6.77 40.53
C ASP B 139 -26.99 6.42 39.11
N TYR B 140 -27.67 5.44 38.50
CA TYR B 140 -27.25 4.86 37.22
C TYR B 140 -27.97 5.46 36.00
N THR B 141 -28.59 6.61 36.17
CA THR B 141 -29.35 7.27 35.09
C THR B 141 -28.55 7.49 33.80
N ASP B 142 -27.32 7.93 33.96
CA ASP B 142 -26.48 8.19 32.80
C ASP B 142 -26.08 6.96 31.96
N ILE B 143 -26.10 5.77 32.56
CA ILE B 143 -25.92 4.51 31.84
C ILE B 143 -27.18 3.66 31.89
N SER B 144 -28.35 4.29 31.90
CA SER B 144 -29.59 3.53 32.11
C SER B 144 -29.89 2.50 31.01
N GLU B 145 -29.28 2.66 29.85
CA GLU B 145 -29.45 1.70 28.75
C GLU B 145 -28.77 0.36 29.03
N CYS B 146 -27.75 0.33 29.90
CA CYS B 146 -27.00 -0.89 30.18
C CYS B 146 -27.70 -1.88 31.12
N THR B 147 -28.97 -2.17 30.86
CA THR B 147 -29.70 -3.09 31.70
C THR B 147 -29.45 -4.50 31.27
N ILE B 148 -29.57 -5.41 32.22
CA ILE B 148 -29.47 -6.81 31.91
C ILE B 148 -30.57 -7.58 32.63
N ASP B 149 -31.29 -8.39 31.86
CA ASP B 149 -32.39 -9.18 32.37
C ASP B 149 -32.00 -10.66 32.27
N ASN B 150 -31.57 -11.23 33.37
CA ASN B 150 -31.03 -12.59 33.34
C ASN B 150 -32.09 -13.62 33.00
N LYS B 151 -33.30 -13.43 33.51
CA LYS B 151 -34.37 -14.38 33.18
C LYS B 151 -34.73 -14.42 31.69
N GLN B 152 -34.90 -13.26 31.11
CA GLN B 152 -35.14 -13.12 29.66
C GLN B 152 -33.99 -13.68 28.85
N ASN B 153 -32.75 -13.43 29.28
CA ASN B 153 -31.59 -13.97 28.58
C ASN B 153 -31.64 -15.50 28.54
N VAL B 154 -31.99 -16.09 29.66
CA VAL B 154 -32.07 -17.52 29.73
C VAL B 154 -33.20 -18.04 28.86
N LEU B 155 -34.33 -17.34 28.87
CA LEU B 155 -35.43 -17.75 28.00
C LEU B 155 -34.98 -17.78 26.53
N GLU B 156 -34.32 -16.72 26.06
CA GLU B 156 -33.81 -16.64 24.71
C GLU B 156 -32.77 -17.74 24.40
N GLU B 157 -31.97 -18.08 25.38
CA GLU B 157 -31.06 -19.23 25.21
C GLU B 157 -31.78 -20.56 25.14
N TYR B 158 -32.84 -20.70 25.91
CA TYR B 158 -33.61 -21.92 25.87
C TYR B 158 -34.30 -22.07 24.49
N ILE B 159 -34.79 -20.97 23.94
CA ILE B 159 -35.41 -20.99 22.65
C ILE B 159 -34.41 -21.42 21.61
N LEU B 160 -33.22 -20.89 21.72
CA LEU B 160 -32.15 -21.28 20.80
C LEU B 160 -31.85 -22.76 20.89
N LEU B 161 -31.79 -23.28 22.10
CA LEU B 161 -31.66 -24.73 22.29
C LEU B 161 -32.72 -25.50 21.56
N ARG B 162 -33.97 -25.08 21.74
CA ARG B 162 -35.09 -25.75 21.11
C ARG B 162 -34.99 -25.71 19.60
N GLU B 163 -34.43 -24.64 19.06
CA GLU B 163 -34.31 -24.44 17.62
C GLU B 163 -33.13 -25.18 17.02
N THR B 164 -32.25 -25.69 17.86
CA THR B 164 -31.05 -26.35 17.37
C THR B 164 -30.96 -27.79 17.82
N ILE B 165 -30.33 -28.05 18.94
CA ILE B 165 -30.00 -29.42 19.29
C ILE B 165 -30.89 -30.13 20.34
N TYR B 166 -31.88 -29.42 20.87
CA TYR B 166 -32.67 -29.95 21.98
C TYR B 166 -33.19 -31.31 21.67
N ASN B 167 -33.71 -31.50 20.46
CA ASN B 167 -34.35 -32.78 20.11
C ASN B 167 -33.42 -33.98 20.08
N ASP B 168 -32.13 -33.72 19.95
CA ASP B 168 -31.14 -34.78 19.95
C ASP B 168 -30.55 -35.04 21.32
N LEU B 169 -31.01 -34.33 22.34
CA LEU B 169 -30.49 -34.57 23.66
C LEU B 169 -31.12 -35.81 24.24
N THR B 170 -30.45 -36.38 25.24
CA THR B 170 -31.02 -37.52 25.92
C THR B 170 -32.09 -37.08 26.92
N ASP B 171 -32.87 -38.04 27.39
CA ASP B 171 -33.89 -37.77 28.35
C ASP B 171 -33.30 -37.18 29.62
N ILE B 172 -32.15 -37.70 30.03
CA ILE B 172 -31.47 -37.22 31.21
C ILE B 172 -31.11 -35.76 31.06
N GLU B 173 -30.64 -35.41 29.86
CA GLU B 173 -30.24 -34.03 29.58
C GLU B 173 -31.45 -33.13 29.52
N LYS B 174 -32.50 -33.60 28.85
CA LYS B 174 -33.73 -32.84 28.76
C LYS B 174 -34.32 -32.61 30.14
N ASP B 175 -34.35 -33.62 30.98
CA ASP B 175 -34.86 -33.46 32.33
C ASP B 175 -34.04 -32.45 33.15
N TYR B 176 -32.73 -32.43 32.97
CA TYR B 176 -31.92 -31.50 33.71
C TYR B 176 -32.34 -30.08 33.29
N ILE B 177 -32.49 -29.87 32.00
CA ILE B 177 -32.84 -28.55 31.49
C ILE B 177 -34.24 -28.11 31.89
N GLU B 178 -35.19 -29.03 31.79
CA GLU B 178 -36.59 -28.69 32.11
C GLU B 178 -36.73 -28.43 33.59
N SER B 179 -35.98 -29.16 34.38
CA SER B 179 -36.08 -29.00 35.81
C SER B 179 -35.53 -27.63 36.20
N PHE B 180 -34.48 -27.23 35.48
CA PHE B 180 -33.95 -25.89 35.66
C PHE B 180 -34.94 -24.82 35.22
N MET B 181 -35.56 -25.01 34.06
CA MET B 181 -36.58 -24.04 33.58
C MET B 181 -37.76 -23.92 34.54
N GLU B 182 -38.17 -25.01 35.15
CA GLU B 182 -39.29 -24.97 36.11
C GLU B 182 -38.87 -24.10 37.35
N ARG B 183 -37.63 -24.28 37.77
CA ARG B 183 -37.16 -23.55 38.93
C ARG B 183 -37.06 -22.05 38.62
N LEU B 184 -36.56 -21.76 37.43
CA LEU B 184 -36.49 -20.39 36.95
C LEU B 184 -37.82 -19.67 36.93
N ASN B 185 -38.85 -20.38 36.58
CA ASN B 185 -40.18 -19.80 36.47
C ASN B 185 -40.80 -19.54 37.81
N ALA B 186 -40.43 -20.34 38.81
CA ALA B 186 -41.00 -20.30 40.12
C ALA B 186 -40.27 -19.37 41.05
N THR B 187 -39.01 -19.08 40.80
CA THR B 187 -38.22 -18.30 41.76
C THR B 187 -38.65 -16.85 41.84
N THR B 188 -38.44 -16.26 43.00
CA THR B 188 -38.70 -14.86 43.27
C THR B 188 -37.41 -14.05 43.38
N VAL B 189 -36.25 -14.66 43.16
CA VAL B 189 -35.00 -13.93 43.36
C VAL B 189 -34.74 -12.78 42.38
N PHE B 190 -35.55 -12.63 41.36
CA PHE B 190 -35.39 -11.53 40.41
C PHE B 190 -36.23 -10.31 40.78
N GLU B 191 -36.94 -10.36 41.89
CA GLU B 191 -37.90 -9.34 42.19
C GLU B 191 -37.38 -8.31 43.17
N GLY B 192 -36.08 -8.30 43.41
CA GLY B 192 -35.51 -7.39 44.35
C GLY B 192 -34.85 -6.21 43.70
N LYS B 193 -33.98 -5.56 44.46
CA LYS B 193 -33.34 -4.32 44.05
C LYS B 193 -32.46 -4.54 42.83
N LYS B 194 -32.62 -3.64 41.87
CA LYS B 194 -31.77 -3.55 40.72
C LYS B 194 -30.76 -2.44 40.93
N CYS B 195 -29.53 -2.69 40.50
CA CYS B 195 -28.53 -1.66 40.55
C CYS B 195 -27.37 -2.04 39.69
N LEU B 196 -26.45 -1.11 39.59
CA LEU B 196 -25.25 -1.34 38.80
C LEU B 196 -24.34 -2.33 39.51
N CYS B 197 -24.11 -3.47 38.88
CA CYS B 197 -23.25 -4.54 39.41
C CYS B 197 -22.06 -4.84 38.49
N HIS B 198 -20.97 -5.29 39.10
CA HIS B 198 -19.79 -5.72 38.36
C HIS B 198 -20.18 -6.94 37.50
N ASN B 199 -20.90 -7.83 38.13
CA ASN B 199 -21.51 -9.01 37.52
C ASN B 199 -20.54 -10.13 37.03
N ASP B 200 -19.31 -10.10 37.48
CA ASP B 200 -18.40 -11.22 37.33
C ASP B 200 -17.37 -11.12 38.47
N PHE B 201 -17.90 -10.96 39.68
CA PHE B 201 -17.11 -10.52 40.80
C PHE B 201 -16.50 -11.67 41.55
N SER B 202 -15.44 -12.21 40.97
CA SER B 202 -14.81 -13.40 41.47
C SER B 202 -13.38 -13.05 41.80
N CYS B 203 -12.67 -13.94 42.48
CA CYS B 203 -11.39 -13.48 42.97
C CYS B 203 -10.27 -13.34 41.98
N ASN B 204 -10.41 -13.93 40.81
CA ASN B 204 -9.43 -13.69 39.74
C ASN B 204 -9.58 -12.28 39.11
N HIS B 205 -10.54 -11.51 39.61
CA HIS B 205 -10.67 -10.12 39.21
C HIS B 205 -10.35 -9.10 40.33
N LEU B 206 -9.85 -9.58 41.46
CA LEU B 206 -9.54 -8.75 42.59
C LEU B 206 -8.06 -8.72 42.82
N LEU B 207 -7.50 -7.51 42.88
CA LEU B 207 -6.06 -7.33 43.07
C LEU B 207 -5.72 -6.86 44.46
N LEU B 208 -4.70 -7.47 45.03
CA LEU B 208 -4.17 -7.09 46.32
C LEU B 208 -2.83 -6.42 46.19
N ASP B 209 -2.59 -5.43 47.05
CA ASP B 209 -1.27 -4.77 47.13
C ASP B 209 -0.39 -5.59 48.04
N GLY B 210 0.81 -5.06 48.32
CA GLY B 210 1.79 -5.71 49.16
C GLY B 210 1.42 -5.87 50.64
N ASN B 211 0.43 -5.15 51.10
CA ASN B 211 -0.17 -5.36 52.42
C ASN B 211 -1.46 -6.20 52.43
N ASN B 212 -1.71 -6.90 51.33
CA ASN B 212 -2.93 -7.71 51.14
C ASN B 212 -4.22 -6.92 51.32
N ARG B 213 -4.16 -5.63 51.00
CA ARG B 213 -5.38 -4.85 50.90
C ARG B 213 -5.85 -4.90 49.49
N LEU B 214 -7.14 -4.73 49.35
CA LEU B 214 -7.76 -4.64 48.08
C LEU B 214 -7.23 -3.38 47.41
N THR B 215 -6.57 -3.53 46.29
CA THR B 215 -6.03 -2.38 45.57
C THR B 215 -6.64 -2.14 44.23
N GLY B 216 -7.23 -3.17 43.62
CA GLY B 216 -7.87 -2.99 42.34
C GLY B 216 -8.88 -4.05 41.97
N ILE B 217 -9.75 -3.66 41.05
CA ILE B 217 -10.75 -4.52 40.48
C ILE B 217 -10.79 -4.35 38.96
N ILE B 218 -10.79 -5.48 38.26
CA ILE B 218 -10.73 -5.49 36.80
C ILE B 218 -11.93 -6.20 36.23
N ASP B 219 -12.02 -6.12 34.91
CA ASP B 219 -12.99 -6.87 34.12
C ASP B 219 -14.42 -6.56 34.50
N PHE B 220 -14.83 -5.34 34.20
CA PHE B 220 -16.23 -4.94 34.29
C PHE B 220 -16.95 -5.25 32.97
N GLY B 221 -16.46 -6.25 32.22
CA GLY B 221 -17.00 -6.59 30.92
C GLY B 221 -18.36 -7.26 30.87
N ASP B 222 -18.89 -7.68 32.01
CA ASP B 222 -20.25 -8.17 32.08
C ASP B 222 -21.13 -7.26 32.92
N SER B 223 -20.62 -6.11 33.33
CA SER B 223 -21.36 -5.20 34.20
C SER B 223 -22.60 -4.64 33.59
N GLY B 224 -23.58 -4.36 34.44
CA GLY B 224 -24.77 -3.73 34.03
C GLY B 224 -25.70 -3.49 35.18
N ILE B 225 -26.89 -2.99 34.86
CA ILE B 225 -27.92 -2.78 35.83
C ILE B 225 -28.68 -4.09 35.87
N ILE B 226 -28.69 -4.69 37.04
CA ILE B 226 -29.12 -6.06 37.22
C ILE B 226 -29.41 -6.29 38.71
N ASP B 227 -29.83 -7.50 39.06
CA ASP B 227 -30.09 -7.79 40.45
C ASP B 227 -28.90 -7.55 41.39
N GLU B 228 -29.17 -6.83 42.46
CA GLU B 228 -28.17 -6.61 43.50
C GLU B 228 -27.45 -7.92 43.90
N TYR B 229 -28.20 -9.02 43.96
CA TYR B 229 -27.65 -10.31 44.35
C TYR B 229 -26.49 -10.77 43.49
N CYS B 230 -26.41 -10.29 42.25
CA CYS B 230 -25.48 -10.84 41.27
C CYS B 230 -24.06 -10.72 41.70
N ASP B 231 -23.73 -9.66 42.44
CA ASP B 231 -22.37 -9.45 42.81
C ASP B 231 -21.92 -10.32 43.94
N PHE B 232 -22.79 -11.22 44.44
CA PHE B 232 -22.34 -12.13 45.53
C PHE B 232 -22.22 -13.56 45.10
N ILE B 233 -22.55 -13.80 43.86
CA ILE B 233 -22.61 -15.15 43.32
C ILE B 233 -21.33 -15.93 43.44
N TYR B 234 -20.21 -15.26 43.18
CA TYR B 234 -18.92 -15.96 43.22
C TYR B 234 -18.30 -15.84 44.60
N LEU B 235 -18.63 -14.77 45.31
CA LEU B 235 -18.23 -14.68 46.71
C LEU B 235 -18.86 -15.82 47.55
N LEU B 236 -20.07 -16.21 47.19
CA LEU B 236 -20.75 -17.33 47.83
C LEU B 236 -20.39 -18.69 47.27
N GLU B 237 -19.61 -18.74 46.20
CA GLU B 237 -19.35 -20.02 45.54
C GLU B 237 -18.43 -20.90 46.36
N ASP B 238 -18.76 -22.17 46.36
CA ASP B 238 -17.94 -23.17 47.00
C ASP B 238 -17.30 -23.99 45.90
N SER B 239 -16.02 -23.75 45.66
CA SER B 239 -15.29 -24.38 44.56
C SER B 239 -13.80 -24.14 44.74
N GLU B 240 -13.01 -24.83 43.94
CA GLU B 240 -11.56 -24.65 43.96
C GLU B 240 -11.14 -23.26 43.58
N GLU B 241 -11.88 -22.61 42.71
CA GLU B 241 -11.50 -21.26 42.27
C GLU B 241 -11.80 -20.17 43.29
N GLU B 242 -12.76 -20.40 44.17
CA GLU B 242 -13.24 -19.31 45.03
C GLU B 242 -12.94 -19.65 46.47
N ILE B 243 -13.11 -18.66 47.33
CA ILE B 243 -12.68 -18.78 48.71
C ILE B 243 -13.59 -19.63 49.58
N GLY B 244 -14.88 -19.42 49.46
CA GLY B 244 -15.85 -20.28 50.12
C GLY B 244 -17.09 -19.52 50.56
N THR B 245 -18.15 -20.27 50.80
CA THR B 245 -19.41 -19.72 51.23
C THR B 245 -19.31 -18.76 52.43
N ASN B 246 -18.48 -19.07 53.41
CA ASN B 246 -18.40 -18.23 54.63
C ASN B 246 -17.85 -16.86 54.35
N PHE B 247 -16.96 -16.80 53.37
CA PHE B 247 -16.39 -15.55 52.90
C PHE B 247 -17.51 -14.63 52.42
N GLY B 248 -18.36 -15.16 51.56
CA GLY B 248 -19.48 -14.40 51.01
C GLY B 248 -20.52 -14.05 52.05
N GLU B 249 -20.80 -15.01 52.94
CA GLU B 249 -21.73 -14.75 54.00
C GLU B 249 -21.25 -13.59 54.86
N ASP B 250 -19.99 -13.63 55.27
CA ASP B 250 -19.43 -12.57 56.09
C ASP B 250 -19.49 -11.23 55.36
N ILE B 251 -19.22 -11.25 54.07
CA ILE B 251 -19.24 -10.02 53.30
C ILE B 251 -20.66 -9.48 53.21
N LEU B 252 -21.61 -10.38 53.07
CA LEU B 252 -23.03 -9.98 53.02
C LEU B 252 -23.45 -9.35 54.35
N ARG B 253 -22.98 -9.89 55.45
CA ARG B 253 -23.32 -9.29 56.72
C ARG B 253 -22.77 -7.90 56.87
N MET B 254 -21.53 -7.70 56.44
CA MET B 254 -20.92 -6.38 56.50
C MET B 254 -21.62 -5.39 55.55
N TYR B 255 -22.02 -5.89 54.40
CA TYR B 255 -22.71 -5.08 53.43
C TYR B 255 -24.06 -4.60 53.98
N GLY B 256 -24.80 -5.51 54.58
CA GLY B 256 -26.06 -5.17 55.23
C GLY B 256 -27.26 -4.97 54.32
N ASN B 257 -28.42 -5.02 54.93
CA ASN B 257 -29.68 -4.78 54.26
C ASN B 257 -29.81 -5.62 53.02
N ILE B 258 -29.62 -6.92 53.17
CA ILE B 258 -29.80 -7.82 52.06
C ILE B 258 -30.14 -9.20 52.55
N ASP B 259 -31.10 -9.82 51.89
CA ASP B 259 -31.60 -11.11 52.27
C ASP B 259 -30.55 -12.13 51.88
N ILE B 260 -29.84 -12.65 52.86
CA ILE B 260 -28.74 -13.57 52.58
C ILE B 260 -29.23 -14.88 51.94
N GLU B 261 -30.40 -15.37 52.36
CA GLU B 261 -30.95 -16.62 51.82
C GLU B 261 -31.25 -16.50 50.35
N LYS B 262 -31.82 -15.37 49.98
CA LYS B 262 -32.06 -15.14 48.58
C LYS B 262 -30.80 -14.93 47.79
N ALA B 263 -29.80 -14.27 48.36
CA ALA B 263 -28.51 -14.23 47.69
C ALA B 263 -28.00 -15.65 47.41
N LYS B 264 -28.19 -16.55 48.35
CA LYS B 264 -27.72 -17.93 48.17
C LYS B 264 -28.57 -18.69 47.19
N GLU B 265 -29.84 -18.41 47.16
CA GLU B 265 -30.73 -19.01 46.13
C GLU B 265 -30.31 -18.59 44.72
N TYR B 266 -30.07 -17.31 44.55
CA TYR B 266 -29.63 -16.76 43.28
C TYR B 266 -28.35 -17.46 42.84
N GLN B 267 -27.40 -17.55 43.75
CA GLN B 267 -26.15 -18.21 43.42
C GLN B 267 -26.36 -19.66 43.02
N ASP B 268 -27.26 -20.33 43.71
CA ASP B 268 -27.49 -21.74 43.44
C ASP B 268 -28.14 -21.96 42.05
N ILE B 269 -29.03 -21.06 41.69
CA ILE B 269 -29.67 -21.08 40.39
C ILE B 269 -28.63 -20.86 39.30
N VAL B 270 -27.78 -19.87 39.49
CA VAL B 270 -26.75 -19.57 38.47
C VAL B 270 -25.83 -20.76 38.34
N GLU B 271 -25.49 -21.41 39.45
CA GLU B 271 -24.62 -22.57 39.35
C GLU B 271 -25.34 -23.75 38.66
N GLU B 272 -26.66 -23.90 38.87
CA GLU B 272 -27.39 -24.98 38.19
C GLU B 272 -27.34 -24.75 36.67
N TYR B 273 -27.40 -23.49 36.29
CA TYR B 273 -27.45 -23.12 34.88
C TYR B 273 -26.14 -23.31 34.11
N TYR B 274 -25.03 -23.32 34.83
CA TYR B 274 -23.70 -23.35 34.20
C TYR B 274 -23.46 -24.36 33.07
N PRO B 275 -23.76 -25.63 33.28
CA PRO B 275 -23.61 -26.57 32.14
C PRO B 275 -24.46 -26.23 30.93
N ILE B 276 -25.61 -25.62 31.16
CA ILE B 276 -26.51 -25.27 30.06
C ILE B 276 -25.92 -24.07 29.32
N GLU B 277 -25.41 -23.13 30.09
CA GLU B 277 -24.76 -21.97 29.52
C GLU B 277 -23.56 -22.37 28.68
N THR B 278 -22.87 -23.40 29.14
CA THR B 278 -21.71 -23.90 28.42
C THR B 278 -22.15 -24.44 27.07
N ILE B 279 -23.23 -25.20 27.06
CA ILE B 279 -23.75 -25.80 25.83
C ILE B 279 -24.11 -24.69 24.85
N VAL B 280 -24.83 -23.73 25.36
CA VAL B 280 -25.33 -22.64 24.54
C VAL B 280 -24.19 -21.86 23.88
N TYR B 281 -23.16 -21.61 24.64
CA TYR B 281 -21.96 -20.98 24.13
C TYR B 281 -21.40 -21.76 22.96
N GLY B 282 -21.37 -23.08 23.09
CA GLY B 282 -20.90 -23.97 22.03
C GLY B 282 -21.74 -23.92 20.77
N ILE B 283 -23.05 -23.80 20.94
CA ILE B 283 -23.94 -23.65 19.79
C ILE B 283 -23.74 -22.30 19.12
N LYS B 284 -23.75 -21.25 19.93
CA LYS B 284 -23.63 -19.90 19.42
C LYS B 284 -22.34 -19.69 18.66
N ASN B 285 -21.26 -20.31 19.11
CA ASN B 285 -19.94 -20.09 18.54
C ASN B 285 -19.46 -21.24 17.68
N ILE B 286 -20.35 -22.19 17.45
CA ILE B 286 -20.02 -23.37 16.65
C ILE B 286 -18.77 -24.06 17.17
N LYS B 287 -18.78 -24.38 18.48
CA LYS B 287 -17.67 -25.08 19.11
C LYS B 287 -18.17 -26.31 19.84
N GLN B 288 -18.10 -27.44 19.13
CA GLN B 288 -18.56 -28.74 19.60
C GLN B 288 -18.00 -29.10 20.97
N GLU B 289 -16.77 -28.69 21.19
CA GLU B 289 -16.05 -28.96 22.42
C GLU B 289 -16.88 -28.56 23.62
N PHE B 290 -17.49 -27.39 23.53
CA PHE B 290 -18.27 -26.84 24.63
C PHE B 290 -19.63 -27.52 24.77
N ILE B 291 -20.21 -27.89 23.64
CA ILE B 291 -21.45 -28.63 23.66
C ILE B 291 -21.22 -29.95 24.42
N GLU B 292 -20.17 -30.66 24.02
CA GLU B 292 -19.77 -31.93 24.63
C GLU B 292 -19.42 -31.76 26.14
N ASN B 293 -18.65 -30.72 26.50
CA ASN B 293 -18.32 -30.48 27.91
C ASN B 293 -19.52 -30.25 28.83
N GLY B 294 -20.45 -29.42 28.36
CA GLY B 294 -21.64 -29.11 29.13
C GLY B 294 -22.53 -30.33 29.31
N ARG B 295 -22.69 -31.14 28.26
CA ARG B 295 -23.56 -32.32 28.34
C ARG B 295 -22.94 -33.31 29.33
N LYS B 296 -21.65 -33.48 29.24
CA LYS B 296 -20.94 -34.36 30.13
C LYS B 296 -21.08 -33.86 31.55
N GLU B 297 -21.04 -32.54 31.74
CA GLU B 297 -21.17 -31.98 33.10
C GLU B 297 -22.57 -32.26 33.68
N ILE B 298 -23.57 -32.31 32.82
CA ILE B 298 -24.92 -32.67 33.26
C ILE B 298 -24.91 -34.12 33.81
N TYR B 299 -24.24 -35.03 33.09
CA TYR B 299 -24.12 -36.44 33.54
C TYR B 299 -23.33 -36.54 34.84
N LYS B 300 -22.29 -35.72 34.98
CA LYS B 300 -21.55 -35.77 36.23
C LYS B 300 -22.45 -35.36 37.36
N ARG B 301 -23.18 -34.29 37.16
CA ARG B 301 -24.07 -33.78 38.20
C ARG B 301 -25.21 -34.76 38.45
N THR B 302 -25.72 -35.37 37.40
CA THR B 302 -26.81 -36.35 37.53
C THR B 302 -26.44 -37.63 38.28
N TYR B 303 -25.20 -38.09 38.15
CA TYR B 303 -24.74 -39.28 38.87
C TYR B 303 -24.02 -39.02 40.20
N LYS B 304 -24.00 -37.78 40.69
CA LYS B 304 -23.35 -37.46 41.95
C LYS B 304 -24.32 -37.88 43.02
N THR C 10 0.82 19.42 -13.68
CA THR C 10 2.19 19.21 -13.11
C THR C 10 2.30 17.80 -12.52
N ASN C 11 2.54 16.82 -13.39
CA ASN C 11 2.90 15.46 -12.98
C ASN C 11 4.43 15.25 -13.13
N VAL C 12 5.16 16.36 -13.01
CA VAL C 12 6.53 16.27 -12.50
C VAL C 12 6.44 15.64 -11.13
N LYS C 13 5.40 15.97 -10.38
CA LYS C 13 5.17 15.34 -9.05
C LYS C 13 5.03 13.84 -9.09
N ALA C 14 4.24 13.38 -10.03
CA ALA C 14 4.13 11.95 -10.26
C ALA C 14 5.50 11.32 -10.59
N MET C 15 6.26 11.96 -11.47
CA MET C 15 7.52 11.39 -11.92
C MET C 15 8.54 11.41 -10.76
N LYS C 16 8.48 12.49 -10.01
CA LYS C 16 9.29 12.59 -8.79
C LYS C 16 8.99 11.40 -7.88
N TYR C 17 7.71 11.14 -7.68
CA TYR C 17 7.29 10.00 -6.87
C TYR C 17 7.86 8.69 -7.41
N LEU C 18 7.75 8.47 -8.71
CA LEU C 18 8.21 7.22 -9.31
C LEU C 18 9.72 7.06 -9.19
N ILE C 19 10.45 8.14 -9.45
CA ILE C 19 11.91 8.11 -9.32
C ILE C 19 12.31 7.71 -7.90
N GLU C 20 11.73 8.41 -6.91
CA GLU C 20 12.10 8.17 -5.53
C GLU C 20 11.65 6.79 -5.05
N HIS C 21 10.63 6.26 -5.70
CA HIS C 21 10.04 4.96 -5.35
C HIS C 21 10.84 3.81 -5.96
N TYR C 22 11.26 3.99 -7.20
CA TYR C 22 12.00 2.95 -7.92
C TYR C 22 13.52 2.96 -7.68
N PHE C 23 14.07 4.13 -7.37
CA PHE C 23 15.49 4.24 -7.04
C PHE C 23 15.67 4.57 -5.57
N ASP C 24 15.87 3.46 -4.84
CA ASP C 24 15.91 3.35 -3.37
C ASP C 24 16.38 4.58 -2.60
N ASN C 25 17.56 5.07 -2.93
CA ASN C 25 18.16 6.12 -2.13
C ASN C 25 18.26 7.44 -2.87
N PHE C 26 17.42 7.62 -3.88
CA PHE C 26 17.50 8.82 -4.68
C PHE C 26 16.54 9.90 -4.19
N LYS C 27 17.05 11.09 -3.95
CA LYS C 27 16.24 12.22 -3.48
C LYS C 27 16.11 13.32 -4.50
N VAL C 28 14.89 13.67 -4.83
CA VAL C 28 14.66 14.71 -5.82
C VAL C 28 14.50 16.06 -5.17
N ASP C 29 15.52 16.88 -5.24
CA ASP C 29 15.44 18.25 -4.74
C ASP C 29 14.81 19.20 -5.77
N SER C 30 14.93 18.88 -7.06
CA SER C 30 14.31 19.68 -8.11
C SER C 30 14.11 18.82 -9.34
N ILE C 31 13.13 19.19 -10.15
CA ILE C 31 12.76 18.39 -11.32
C ILE C 31 11.94 19.25 -12.27
N GLU C 32 12.38 19.31 -13.51
CA GLU C 32 11.66 20.03 -14.55
C GLU C 32 11.72 19.22 -15.83
N ILE C 33 10.73 19.40 -16.67
CA ILE C 33 10.66 18.81 -17.99
C ILE C 33 11.61 19.53 -18.96
N ILE C 34 12.50 18.79 -19.61
CA ILE C 34 13.41 19.40 -20.59
C ILE C 34 13.17 18.94 -22.00
N GLY C 35 12.43 17.87 -22.14
CA GLY C 35 12.09 17.42 -23.46
C GLY C 35 10.93 16.49 -23.46
N SER C 36 10.36 16.37 -24.63
CA SER C 36 9.20 15.55 -24.78
C SER C 36 9.10 15.03 -26.21
N GLY C 37 9.05 13.72 -26.36
CA GLY C 37 8.61 13.07 -27.60
C GLY C 37 7.09 12.99 -27.57
N TYR C 38 6.52 12.24 -28.49
CA TYR C 38 5.09 12.04 -28.46
C TYR C 38 4.72 10.81 -27.60
N ASP C 39 5.72 9.99 -27.30
CA ASP C 39 5.56 8.74 -26.56
C ASP C 39 6.23 8.81 -25.19
N SER C 40 6.92 9.90 -24.92
CA SER C 40 7.92 9.89 -23.87
C SER C 40 8.12 11.29 -23.30
N VAL C 41 8.69 11.36 -22.09
CA VAL C 41 9.03 12.62 -21.49
C VAL C 41 10.38 12.53 -20.81
N ALA C 42 11.18 13.58 -20.96
CA ALA C 42 12.47 13.65 -20.33
C ALA C 42 12.54 14.79 -19.31
N TYR C 43 13.23 14.51 -18.21
CA TYR C 43 13.27 15.40 -17.06
C TYR C 43 14.68 15.69 -16.60
N LEU C 44 14.93 16.93 -16.21
CA LEU C 44 16.17 17.32 -15.58
C LEU C 44 15.99 17.37 -14.10
N VAL C 45 16.74 16.51 -13.42
CA VAL C 45 16.57 16.31 -12.00
C VAL C 45 17.79 16.78 -11.25
N ASN C 46 17.56 17.58 -10.20
CA ASN C 46 18.65 18.17 -9.35
C ASN C 46 19.67 18.96 -10.15
N ASN C 47 19.23 19.52 -11.27
CA ASN C 47 20.08 20.23 -12.17
C ASN C 47 21.32 19.40 -12.61
N GLU C 48 21.24 18.07 -12.52
CA GLU C 48 22.40 17.17 -12.68
C GLU C 48 22.14 15.87 -13.47
N TYR C 49 20.93 15.33 -13.35
CA TYR C 49 20.58 14.07 -13.97
C TYR C 49 19.50 14.27 -15.04
N ILE C 50 19.65 13.54 -16.16
CA ILE C 50 18.56 13.33 -17.10
C ILE C 50 17.83 12.04 -16.77
N PHE C 51 16.50 12.13 -16.63
CA PHE C 51 15.65 10.95 -16.59
C PHE C 51 14.70 10.92 -17.79
N LYS C 52 14.89 9.89 -18.63
CA LYS C 52 14.07 9.64 -19.82
C LYS C 52 13.04 8.66 -19.41
N THR C 53 11.77 8.90 -19.71
CA THR C 53 10.71 8.04 -19.24
C THR C 53 9.65 7.80 -20.28
N LYS C 54 9.06 6.64 -20.19
CA LYS C 54 8.12 6.20 -21.19
C LYS C 54 7.14 5.23 -20.55
N PHE C 55 5.84 5.36 -20.85
CA PHE C 55 4.84 4.32 -20.49
C PHE C 55 4.56 3.37 -21.68
N SER C 56 5.11 2.15 -21.65
CA SER C 56 5.05 1.10 -22.73
C SER C 56 5.23 1.61 -24.15
N GLY C 62 9.54 0.47 -25.39
CA GLY C 62 10.49 0.45 -24.24
C GLY C 62 12.04 0.59 -24.43
N TYR C 63 12.71 0.83 -23.32
CA TYR C 63 14.13 1.27 -23.29
C TYR C 63 15.23 0.20 -23.04
N ALA C 64 14.87 -1.07 -23.13
CA ALA C 64 15.87 -2.10 -22.94
C ALA C 64 17.00 -2.05 -23.98
N LYS C 65 16.67 -1.86 -25.27
CA LYS C 65 17.73 -1.84 -26.30
C LYS C 65 18.63 -0.66 -26.12
N GLU C 66 18.00 0.45 -25.84
CA GLU C 66 18.75 1.68 -25.72
C GLU C 66 19.78 1.54 -24.61
N LYS C 67 19.35 0.95 -23.49
CA LYS C 67 20.24 0.64 -22.40
C LYS C 67 21.36 -0.33 -22.82
N ALA C 68 21.00 -1.40 -23.53
CA ALA C 68 22.02 -2.31 -24.01
C ALA C 68 23.06 -1.62 -24.90
N ILE C 69 22.60 -0.64 -25.68
CA ILE C 69 23.49 0.02 -26.60
C ILE C 69 24.42 0.97 -25.88
N TYR C 70 23.93 1.76 -24.93
CA TYR C 70 24.82 2.59 -24.10
C TYR C 70 25.90 1.72 -23.42
N ASN C 71 25.48 0.58 -22.93
CA ASN C 71 26.40 -0.23 -22.14
C ASN C 71 27.46 -0.84 -23.10
N PHE C 72 27.03 -1.27 -24.28
CA PHE C 72 27.98 -1.76 -25.30
C PHE C 72 28.97 -0.67 -25.67
N LEU C 73 28.47 0.52 -25.89
CA LEU C 73 29.33 1.61 -26.33
C LEU C 73 30.28 2.09 -25.25
N ASN C 74 29.80 2.19 -24.00
CA ASN C 74 30.62 2.75 -22.94
C ASN C 74 31.77 1.79 -22.66
N THR C 75 31.54 0.50 -22.90
CA THR C 75 32.57 -0.53 -22.83
C THR C 75 33.59 -0.45 -23.99
N ASN C 76 33.11 -0.21 -25.21
CA ASN C 76 33.95 -0.42 -26.41
C ASN C 76 34.42 0.83 -27.11
N LEU C 77 33.74 1.94 -26.98
CA LEU C 77 34.23 3.13 -27.65
C LEU C 77 35.46 3.71 -26.95
N GLU C 78 36.44 4.13 -27.71
CA GLU C 78 37.50 4.98 -27.19
C GLU C 78 37.38 6.38 -27.79
N THR C 79 36.83 7.32 -27.02
CA THR C 79 36.60 8.66 -27.53
C THR C 79 36.48 9.61 -26.38
N ASN C 80 36.77 10.90 -26.62
CA ASN C 80 36.52 11.92 -25.60
C ASN C 80 35.13 12.52 -25.71
N VAL C 81 34.40 12.10 -26.73
CA VAL C 81 32.99 12.54 -26.86
C VAL C 81 32.16 11.77 -25.85
N LYS C 82 31.40 12.49 -25.04
CA LYS C 82 30.59 11.86 -24.03
C LYS C 82 29.27 11.35 -24.58
N ILE C 83 28.84 10.23 -24.04
CA ILE C 83 27.52 9.70 -24.31
C ILE C 83 26.81 9.33 -23.02
N PRO C 84 25.49 9.17 -23.06
CA PRO C 84 24.85 8.75 -21.83
C PRO C 84 25.47 7.54 -21.22
N ASN C 85 25.62 7.61 -19.91
CA ASN C 85 26.09 6.45 -19.16
C ASN C 85 25.07 6.15 -18.06
N ILE C 86 24.37 5.05 -18.27
CA ILE C 86 23.18 4.79 -17.49
C ILE C 86 23.54 4.38 -16.08
N GLU C 87 23.09 5.15 -15.11
CA GLU C 87 23.30 4.81 -13.70
C GLU C 87 22.03 4.24 -13.06
N TYR C 88 20.87 4.59 -13.57
CA TYR C 88 19.60 4.18 -13.03
C TYR C 88 18.74 3.69 -14.14
N SER C 89 18.11 2.56 -13.95
CA SER C 89 17.18 2.08 -14.94
C SER C 89 16.10 1.28 -14.27
N TYR C 90 14.87 1.53 -14.71
CA TYR C 90 13.75 0.68 -14.39
C TYR C 90 13.09 0.33 -15.69
N ILE C 91 12.95 -0.95 -15.96
CA ILE C 91 12.33 -1.38 -17.20
C ILE C 91 11.31 -2.43 -16.92
N SER C 92 10.07 -2.11 -17.27
CA SER C 92 8.95 -3.00 -17.15
C SER C 92 8.11 -2.83 -18.38
N ASP C 93 7.10 -3.67 -18.52
CA ASP C 93 6.23 -3.63 -19.70
C ASP C 93 5.53 -2.30 -19.80
N GLU C 94 5.05 -1.80 -18.67
CA GLU C 94 4.20 -0.61 -18.65
C GLU C 94 4.99 0.69 -18.42
N LEU C 95 6.26 0.59 -18.00
CA LEU C 95 7.02 1.78 -17.63
C LEU C 95 8.51 1.58 -17.78
N SER C 96 9.18 2.53 -18.40
CA SER C 96 10.62 2.49 -18.51
C SER C 96 11.20 3.85 -18.16
N ILE C 97 12.28 3.82 -17.40
CA ILE C 97 13.00 4.96 -16.99
C ILE C 97 14.50 4.69 -17.18
N LEU C 98 15.21 5.65 -17.76
CA LEU C 98 16.66 5.63 -17.82
C LEU C 98 17.17 6.90 -17.21
N GLY C 99 18.09 6.78 -16.27
CA GLY C 99 18.69 7.95 -15.66
C GLY C 99 20.20 7.95 -15.91
N TYR C 100 20.73 9.13 -16.23
CA TYR C 100 22.14 9.29 -16.43
C TYR C 100 22.50 10.73 -16.20
N LYS C 101 23.76 10.99 -15.93
CA LYS C 101 24.20 12.35 -15.71
C LYS C 101 24.07 13.14 -16.98
N GLU C 102 23.41 14.30 -16.87
CA GLU C 102 23.27 15.26 -17.93
C GLU C 102 24.64 15.58 -18.52
N ILE C 103 24.75 15.45 -19.83
CA ILE C 103 25.95 15.92 -20.51
C ILE C 103 25.77 17.41 -20.67
N LYS C 104 26.76 18.18 -20.20
CA LYS C 104 26.64 19.63 -20.20
C LYS C 104 27.05 20.18 -21.52
N GLY C 105 26.29 21.15 -22.00
CA GLY C 105 26.64 21.77 -23.23
C GLY C 105 25.46 22.44 -23.87
N THR C 106 25.68 22.92 -25.08
CA THR C 106 24.66 23.54 -25.91
C THR C 106 24.46 22.72 -27.20
N PHE C 107 23.21 22.51 -27.55
CA PHE C 107 22.87 21.70 -28.71
C PHE C 107 23.13 22.47 -29.95
N LEU C 108 23.70 21.78 -30.93
CA LEU C 108 24.04 22.38 -32.20
C LEU C 108 22.78 22.77 -32.92
N THR C 109 22.78 23.96 -33.50
CA THR C 109 21.66 24.43 -34.33
C THR C 109 22.24 25.14 -35.53
N PRO C 110 21.43 25.30 -36.59
CA PRO C 110 21.88 26.06 -37.74
C PRO C 110 22.35 27.47 -37.38
N GLU C 111 21.60 28.16 -36.51
CA GLU C 111 21.98 29.51 -36.09
C GLU C 111 23.38 29.55 -35.50
N ILE C 112 23.63 28.64 -34.57
CA ILE C 112 24.90 28.58 -33.89
C ILE C 112 26.06 28.25 -34.87
N TYR C 113 25.84 27.26 -35.72
CA TYR C 113 26.84 26.89 -36.70
C TYR C 113 27.26 28.10 -37.51
N SER C 114 26.30 28.93 -37.89
CA SER C 114 26.57 30.05 -38.76
C SER C 114 27.40 31.16 -38.06
N THR C 115 27.48 31.12 -36.74
CA THR C 115 28.33 32.03 -36.00
C THR C 115 29.73 31.48 -35.71
N MET C 116 29.94 30.21 -36.01
CA MET C 116 31.24 29.61 -35.73
C MET C 116 32.25 30.10 -36.75
N SER C 117 33.51 30.21 -36.33
CA SER C 117 34.60 30.51 -37.25
C SER C 117 34.78 29.32 -38.15
N GLU C 118 35.41 29.55 -39.30
CA GLU C 118 35.65 28.47 -40.25
C GLU C 118 36.41 27.30 -39.59
N GLU C 119 37.41 27.66 -38.79
CA GLU C 119 38.26 26.70 -38.09
C GLU C 119 37.38 25.88 -37.15
N GLU C 120 36.55 26.56 -36.36
CA GLU C 120 35.57 25.86 -35.50
C GLU C 120 34.63 24.93 -36.28
N GLN C 121 34.13 25.37 -37.42
CA GLN C 121 33.28 24.50 -38.23
C GLN C 121 34.04 23.27 -38.75
N ASN C 122 35.25 23.48 -39.26
CA ASN C 122 36.02 22.37 -39.78
C ASN C 122 36.29 21.34 -38.71
N LEU C 123 36.62 21.82 -37.51
CA LEU C 123 36.93 20.93 -36.41
C LEU C 123 35.70 20.15 -36.00
N LEU C 124 34.57 20.82 -35.97
CA LEU C 124 33.34 20.12 -35.65
C LEU C 124 33.09 18.97 -36.66
N LYS C 125 33.26 19.29 -37.94
CA LYS C 125 33.03 18.33 -38.98
C LYS C 125 33.99 17.17 -38.84
N ARG C 126 35.26 17.46 -38.55
CA ARG C 126 36.27 16.41 -38.28
C ARG C 126 35.87 15.56 -37.07
N ASP C 127 35.46 16.19 -35.99
CA ASP C 127 35.06 15.43 -34.79
C ASP C 127 33.90 14.49 -35.14
N ILE C 128 32.94 14.97 -35.91
CA ILE C 128 31.80 14.14 -36.22
C ILE C 128 32.25 12.97 -37.07
N ALA C 129 33.03 13.26 -38.08
CA ALA C 129 33.47 12.22 -39.00
C ALA C 129 34.22 11.14 -38.21
N SER C 130 35.04 11.62 -37.27
CA SER C 130 35.87 10.76 -36.50
C SER C 130 35.08 9.89 -35.52
N PHE C 131 34.11 10.49 -34.88
CA PHE C 131 33.22 9.71 -34.04
C PHE C 131 32.50 8.60 -34.83
N LEU C 132 31.94 8.97 -35.97
CA LEU C 132 31.17 8.01 -36.76
C LEU C 132 32.06 6.91 -37.28
N ARG C 133 33.27 7.27 -37.65
CA ARG C 133 34.23 6.27 -38.16
CA ARG C 133 34.22 6.27 -38.14
C ARG C 133 34.51 5.25 -37.03
N GLN C 134 34.70 5.76 -35.81
CA GLN C 134 34.98 4.87 -34.70
C GLN C 134 33.81 3.97 -34.39
N MET C 135 32.61 4.52 -34.36
CA MET C 135 31.44 3.72 -34.01
C MET C 135 31.11 2.68 -35.06
N HIS C 136 31.13 3.11 -36.31
CA HIS C 136 30.87 2.25 -37.44
C HIS C 136 31.92 1.16 -37.62
N GLY C 137 33.12 1.42 -37.10
CA GLY C 137 34.18 0.43 -37.14
C GLY C 137 34.14 -0.59 -36.02
N LEU C 138 33.22 -0.45 -35.08
CA LEU C 138 33.21 -1.41 -33.96
C LEU C 138 32.80 -2.82 -34.36
N ASP C 139 33.51 -3.79 -33.80
CA ASP C 139 33.10 -5.18 -33.90
C ASP C 139 31.80 -5.30 -33.10
N TYR C 140 30.70 -5.54 -33.80
CA TYR C 140 29.35 -5.52 -33.18
C TYR C 140 28.82 -6.92 -32.78
N THR C 141 29.71 -7.92 -32.71
CA THR C 141 29.34 -9.28 -32.34
C THR C 141 28.55 -9.39 -31.05
N ASP C 142 28.98 -8.64 -30.04
CA ASP C 142 28.32 -8.71 -28.74
C ASP C 142 26.88 -8.19 -28.71
N ILE C 143 26.52 -7.33 -29.66
CA ILE C 143 25.14 -6.84 -29.81
C ILE C 143 24.58 -7.29 -31.18
N SER C 144 24.99 -8.46 -31.64
CA SER C 144 24.64 -8.85 -33.01
C SER C 144 23.14 -9.01 -33.24
N GLU C 145 22.39 -9.19 -32.18
CA GLU C 145 20.93 -9.29 -32.26
C GLU C 145 20.25 -7.99 -32.66
N CYS C 146 20.88 -6.83 -32.38
CA CYS C 146 20.23 -5.51 -32.62
C CYS C 146 20.27 -5.07 -34.08
N THR C 147 19.89 -5.96 -35.00
CA THR C 147 19.92 -5.62 -36.42
C THR C 147 18.65 -4.91 -36.80
N ILE C 148 18.76 -4.09 -37.85
CA ILE C 148 17.62 -3.42 -38.39
C ILE C 148 17.71 -3.51 -39.90
N ASP C 149 16.68 -4.03 -40.54
CA ASP C 149 16.61 -4.13 -41.96
C ASP C 149 15.56 -3.15 -42.43
N ASN C 150 15.98 -1.99 -42.93
CA ASN C 150 15.04 -0.97 -43.34
C ASN C 150 14.18 -1.38 -44.53
N LYS C 151 14.79 -2.04 -45.53
CA LYS C 151 14.01 -2.45 -46.70
C LYS C 151 12.88 -3.43 -46.34
N GLN C 152 13.25 -4.47 -45.61
CA GLN C 152 12.27 -5.49 -45.15
C GLN C 152 11.14 -4.86 -44.33
N ASN C 153 11.49 -3.92 -43.46
CA ASN C 153 10.48 -3.25 -42.64
C ASN C 153 9.48 -2.53 -43.53
N VAL C 154 9.98 -1.81 -44.53
CA VAL C 154 9.11 -1.15 -45.48
C VAL C 154 8.22 -2.11 -46.28
N LEU C 155 8.78 -3.24 -46.71
CA LEU C 155 7.96 -4.22 -47.44
C LEU C 155 6.80 -4.71 -46.58
N GLU C 156 7.10 -5.00 -45.30
CA GLU C 156 6.04 -5.43 -44.37
C GLU C 156 4.99 -4.30 -44.11
N GLU C 157 5.46 -3.08 -44.05
CA GLU C 157 4.60 -1.97 -43.83
C GLU C 157 3.69 -1.78 -45.04
N TYR C 158 4.21 -2.03 -46.23
CA TYR C 158 3.39 -1.92 -47.45
C TYR C 158 2.29 -2.94 -47.47
N ILE C 159 2.63 -4.13 -47.05
CA ILE C 159 1.60 -5.18 -46.96
C ILE C 159 0.50 -4.77 -45.98
N LEU C 160 0.91 -4.25 -44.83
CA LEU C 160 -0.03 -3.78 -43.84
C LEU C 160 -0.95 -2.72 -44.42
N LEU C 161 -0.38 -1.79 -45.19
CA LEU C 161 -1.20 -0.79 -45.88
C LEU C 161 -2.24 -1.43 -46.77
N ARG C 162 -1.81 -2.40 -47.58
CA ARG C 162 -2.68 -3.08 -48.50
C ARG C 162 -3.77 -3.84 -47.78
N GLU C 163 -3.46 -4.34 -46.59
CA GLU C 163 -4.46 -5.08 -45.75
C GLU C 163 -5.42 -4.18 -44.97
N THR C 164 -5.15 -2.89 -44.87
CA THR C 164 -5.97 -2.00 -44.07
C THR C 164 -6.61 -0.92 -44.93
N ILE C 165 -5.95 0.21 -45.07
CA ILE C 165 -6.65 1.37 -45.64
C ILE C 165 -6.38 1.70 -47.09
N TYR C 166 -5.49 0.95 -47.72
CA TYR C 166 -5.03 1.29 -49.07
C TYR C 166 -6.17 1.53 -50.00
N ASN C 167 -7.17 0.68 -49.95
CA ASN C 167 -8.30 0.78 -50.88
C ASN C 167 -9.14 2.05 -50.73
N ASP C 168 -9.07 2.70 -49.57
CA ASP C 168 -9.79 3.96 -49.33
C ASP C 168 -8.96 5.21 -49.64
N LEU C 169 -7.72 5.03 -50.08
CA LEU C 169 -6.90 6.17 -50.41
C LEU C 169 -7.32 6.77 -51.73
N THR C 170 -6.90 8.02 -51.98
CA THR C 170 -7.13 8.64 -53.26
C THR C 170 -6.14 8.09 -54.27
N ASP C 171 -6.40 8.38 -55.54
CA ASP C 171 -5.52 7.98 -56.58
C ASP C 171 -4.17 8.63 -56.43
N ILE C 172 -4.17 9.90 -56.04
CA ILE C 172 -2.91 10.62 -55.87
C ILE C 172 -2.04 9.98 -54.78
N GLU C 173 -2.70 9.59 -53.69
CA GLU C 173 -2.04 8.89 -52.58
C GLU C 173 -1.55 7.52 -53.01
N LYS C 174 -2.38 6.78 -53.72
CA LYS C 174 -1.95 5.47 -54.20
C LYS C 174 -0.77 5.57 -55.10
N ASP C 175 -0.78 6.51 -56.04
CA ASP C 175 0.31 6.64 -56.94
C ASP C 175 1.60 6.96 -56.19
N TYR C 176 1.51 7.81 -55.17
CA TYR C 176 2.67 8.21 -54.47
C TYR C 176 3.30 6.94 -53.84
N ILE C 177 2.46 6.11 -53.24
CA ILE C 177 2.95 4.89 -52.61
C ILE C 177 3.54 3.88 -53.58
N GLU C 178 2.85 3.67 -54.70
CA GLU C 178 3.28 2.72 -55.68
C GLU C 178 4.57 3.17 -56.32
N SER C 179 4.67 4.44 -56.55
CA SER C 179 5.85 4.98 -57.17
C SER C 179 7.07 4.82 -56.21
N PHE C 180 6.81 5.04 -54.93
CA PHE C 180 7.83 4.81 -53.97
C PHE C 180 8.25 3.33 -53.92
N MET C 181 7.29 2.42 -53.89
CA MET C 181 7.61 0.99 -53.85
C MET C 181 8.39 0.53 -55.06
N GLU C 182 8.09 1.06 -56.22
CA GLU C 182 8.91 0.77 -57.38
C GLU C 182 10.39 1.18 -57.13
N ARG C 183 10.56 2.38 -56.61
CA ARG C 183 11.90 2.88 -56.42
C ARG C 183 12.64 2.00 -55.40
N LEU C 184 11.95 1.65 -54.33
CA LEU C 184 12.49 0.83 -53.27
C LEU C 184 12.93 -0.56 -53.72
N ASN C 185 12.16 -1.14 -54.62
CA ASN C 185 12.47 -2.43 -55.13
C ASN C 185 13.66 -2.39 -56.13
N ALA C 186 13.88 -1.25 -56.79
CA ALA C 186 14.97 -1.12 -57.81
C ALA C 186 16.32 -0.64 -57.21
N THR C 187 16.32 0.03 -56.06
CA THR C 187 17.47 0.68 -55.59
C THR C 187 18.54 -0.32 -55.17
N THR C 188 19.79 0.11 -55.22
CA THR C 188 20.90 -0.66 -54.71
C THR C 188 21.47 -0.10 -53.42
N VAL C 189 20.89 0.96 -52.87
CA VAL C 189 21.51 1.58 -51.66
C VAL C 189 21.42 0.74 -50.37
N PHE C 190 20.71 -0.39 -50.36
CA PHE C 190 20.75 -1.29 -49.15
C PHE C 190 21.81 -2.37 -49.22
N GLU C 191 22.61 -2.38 -50.28
CA GLU C 191 23.50 -3.50 -50.53
C GLU C 191 24.90 -3.20 -50.10
N GLY C 192 25.08 -2.13 -49.38
CA GLY C 192 26.41 -1.75 -48.91
C GLY C 192 26.71 -2.20 -47.51
N LYS C 193 27.74 -1.59 -46.94
CA LYS C 193 28.25 -1.96 -45.63
C LYS C 193 27.20 -1.76 -44.52
N LYS C 194 27.07 -2.78 -43.68
CA LYS C 194 26.25 -2.73 -42.48
C LYS C 194 27.14 -2.51 -41.30
N CYS C 195 26.67 -1.72 -40.35
CA CYS C 195 27.41 -1.52 -39.14
C CYS C 195 26.56 -0.86 -38.10
N LEU C 196 27.11 -0.73 -36.90
CA LEU C 196 26.39 -0.10 -35.81
C LEU C 196 26.29 1.41 -36.03
N CYS C 197 25.05 1.91 -36.15
CA CYS C 197 24.77 3.31 -36.39
C CYS C 197 23.89 3.91 -35.27
N HIS C 198 24.07 5.19 -35.01
CA HIS C 198 23.28 5.95 -34.06
C HIS C 198 21.85 5.94 -34.52
N ASN C 199 21.69 6.19 -35.82
CA ASN C 199 20.42 6.08 -36.55
C ASN C 199 19.37 7.13 -36.23
N ASP C 200 19.76 8.21 -35.60
CA ASP C 200 18.91 9.41 -35.47
C ASP C 200 19.84 10.60 -35.28
N PHE C 201 20.83 10.66 -36.17
CA PHE C 201 21.98 11.50 -35.96
C PHE C 201 21.77 12.89 -36.55
N SER C 202 21.03 13.68 -35.80
CA SER C 202 20.62 14.99 -36.24
C SER C 202 21.15 15.98 -35.24
N CYS C 203 21.12 17.27 -35.57
CA CYS C 203 21.90 18.17 -34.70
C CYS C 203 21.30 18.47 -33.37
N ASN C 204 20.03 18.18 -33.19
CA ASN C 204 19.41 18.31 -31.87
C ASN C 204 19.89 17.17 -30.92
N HIS C 205 20.75 16.29 -31.40
CA HIS C 205 21.35 15.28 -30.56
C HIS C 205 22.86 15.47 -30.37
N LEU C 206 23.40 16.57 -30.89
CA LEU C 206 24.84 16.86 -30.77
C LEU C 206 25.08 18.04 -29.85
N LEU C 207 25.94 17.84 -28.87
CA LEU C 207 26.23 18.87 -27.87
C LEU C 207 27.59 19.47 -28.11
N LEU C 208 27.65 20.80 -27.96
CA LEU C 208 28.90 21.56 -27.99
C LEU C 208 29.29 22.11 -26.63
N ASP C 209 30.58 22.15 -26.35
CA ASP C 209 31.11 22.82 -25.15
C ASP C 209 31.28 24.30 -25.44
N GLY C 210 31.87 25.01 -24.47
CA GLY C 210 32.07 26.45 -24.57
C GLY C 210 33.00 26.92 -25.66
N ASN C 211 33.81 26.01 -26.17
CA ASN C 211 34.69 26.26 -27.33
C ASN C 211 34.13 25.76 -28.67
N ASN C 212 32.83 25.43 -28.67
CA ASN C 212 32.16 24.88 -29.86
C ASN C 212 32.77 23.62 -30.41
N ARG C 213 33.38 22.84 -29.54
CA ARG C 213 33.81 21.50 -29.91
C ARG C 213 32.71 20.55 -29.57
N LEU C 214 32.66 19.48 -30.33
CA LEU C 214 31.73 18.44 -30.08
C LEU C 214 32.08 17.87 -28.73
N THR C 215 31.17 17.97 -27.78
CA THR C 215 31.42 17.43 -26.48
C THR C 215 30.57 16.23 -26.10
N GLY C 216 29.41 16.07 -26.74
CA GLY C 216 28.57 14.92 -26.44
C GLY C 216 27.54 14.61 -27.48
N ILE C 217 27.10 13.36 -27.44
CA ILE C 217 26.06 12.86 -28.32
C ILE C 217 25.06 12.12 -27.48
N ILE C 218 23.78 12.39 -27.75
CA ILE C 218 22.69 11.76 -26.98
C ILE C 218 21.77 11.00 -27.85
N ASP C 219 20.84 10.34 -27.21
CA ASP C 219 19.70 9.70 -27.88
C ASP C 219 20.15 8.68 -28.91
N PHE C 220 20.65 7.59 -28.37
CA PHE C 220 20.93 6.41 -29.19
C PHE C 220 19.74 5.45 -29.15
N GLY C 221 18.56 5.98 -28.93
CA GLY C 221 17.37 5.15 -28.87
C GLY C 221 16.98 4.33 -30.12
N ASP C 222 17.44 4.72 -31.30
CA ASP C 222 17.10 4.02 -32.56
C ASP C 222 18.26 3.29 -33.14
N SER C 223 19.34 3.25 -32.37
CA SER C 223 20.57 2.69 -32.81
C SER C 223 20.51 1.19 -33.05
N GLY C 224 21.27 0.74 -34.04
CA GLY C 224 21.27 -0.69 -34.41
C GLY C 224 22.24 -0.94 -35.55
N ILE C 225 22.31 -2.19 -35.96
CA ILE C 225 23.21 -2.61 -37.00
C ILE C 225 22.40 -2.49 -38.27
N ILE C 226 22.89 -1.63 -39.18
CA ILE C 226 22.07 -1.11 -40.29
C ILE C 226 22.97 -0.54 -41.34
N ASP C 227 22.43 -0.06 -42.43
CA ASP C 227 23.29 0.54 -43.47
C ASP C 227 24.15 1.68 -42.96
N GLU C 228 25.43 1.60 -43.30
CA GLU C 228 26.35 2.68 -43.01
C GLU C 228 25.78 4.06 -43.42
N TYR C 229 25.10 4.11 -44.52
CA TYR C 229 24.52 5.38 -45.00
C TYR C 229 23.56 6.07 -44.06
N CYS C 230 22.98 5.31 -43.13
CA CYS C 230 21.91 5.82 -42.25
C CYS C 230 22.35 6.95 -41.40
N ASP C 231 23.61 6.97 -41.01
CA ASP C 231 24.03 8.02 -40.11
C ASP C 231 24.28 9.35 -40.78
N PHE C 232 24.04 9.43 -42.09
CA PHE C 232 24.25 10.69 -42.81
C PHE C 232 22.97 11.31 -43.26
N ILE C 233 21.85 10.64 -42.96
CA ILE C 233 20.56 11.06 -43.53
C ILE C 233 20.17 12.46 -43.07
N TYR C 234 20.48 12.80 -41.84
CA TYR C 234 20.09 14.11 -41.31
C TYR C 234 21.22 15.12 -41.52
N LEU C 235 22.46 14.65 -41.54
CA LEU C 235 23.59 15.51 -41.86
C LEU C 235 23.46 16.03 -43.29
N LEU C 236 22.85 15.22 -44.15
CA LEU C 236 22.54 15.61 -45.55
C LEU C 236 21.22 16.31 -45.75
N GLU C 237 20.40 16.41 -44.70
CA GLU C 237 19.05 16.96 -44.86
C GLU C 237 19.10 18.46 -45.07
N ASP C 238 18.24 18.89 -45.98
CA ASP C 238 18.07 20.29 -46.25
C ASP C 238 16.72 20.65 -45.68
N SER C 239 16.75 21.35 -44.54
CA SER C 239 15.54 21.74 -43.82
C SER C 239 15.88 22.81 -42.79
N GLU C 240 14.85 23.40 -42.20
CA GLU C 240 15.04 24.37 -41.13
C GLU C 240 15.71 23.78 -39.87
N GLU C 241 15.44 22.51 -39.61
CA GLU C 241 16.03 21.85 -38.43
C GLU C 241 17.52 21.50 -38.58
N GLU C 242 18.00 21.31 -39.82
CA GLU C 242 19.36 20.80 -39.99
C GLU C 242 20.21 21.85 -40.66
N ILE C 243 21.51 21.60 -40.68
CA ILE C 243 22.48 22.60 -41.14
C ILE C 243 22.49 22.78 -42.62
N GLY C 244 22.51 21.66 -43.33
CA GLY C 244 22.40 21.68 -44.78
C GLY C 244 23.21 20.59 -45.45
N THR C 245 22.85 20.34 -46.70
CA THR C 245 23.52 19.36 -47.49
C THR C 245 25.06 19.49 -47.52
N ASN C 246 25.61 20.72 -47.60
CA ASN C 246 27.09 20.89 -47.72
C ASN C 246 27.83 20.43 -46.49
N PHE C 247 27.16 20.55 -45.36
CA PHE C 247 27.69 20.11 -44.07
C PHE C 247 27.88 18.60 -44.09
N GLY C 248 26.84 17.89 -44.51
CA GLY C 248 26.91 16.43 -44.66
C GLY C 248 27.90 15.97 -45.72
N GLU C 249 27.92 16.67 -46.84
CA GLU C 249 28.89 16.36 -47.89
C GLU C 249 30.33 16.48 -47.38
N ASP C 250 30.63 17.60 -46.74
CA ASP C 250 31.98 17.81 -46.20
C ASP C 250 32.35 16.73 -45.18
N ILE C 251 31.39 16.35 -44.35
CA ILE C 251 31.64 15.31 -43.36
C ILE C 251 31.90 13.99 -44.02
N LEU C 252 31.13 13.70 -45.07
CA LEU C 252 31.30 12.46 -45.80
C LEU C 252 32.71 12.43 -46.43
N ARG C 253 33.15 13.54 -46.97
CA ARG C 253 34.52 13.57 -47.53
C ARG C 253 35.60 13.29 -46.48
N MET C 254 35.46 13.84 -45.29
CA MET C 254 36.39 13.58 -44.22
C MET C 254 36.31 12.13 -43.73
N TYR C 255 35.12 11.61 -43.71
CA TYR C 255 34.89 10.23 -43.24
C TYR C 255 35.56 9.24 -44.19
N GLY C 256 35.39 9.50 -45.47
CA GLY C 256 36.05 8.73 -46.50
C GLY C 256 35.41 7.38 -46.82
N ASN C 257 35.77 6.88 -47.99
CA ASN C 257 35.44 5.56 -48.43
C ASN C 257 33.97 5.33 -48.43
N ILE C 258 33.25 6.27 -48.99
CA ILE C 258 31.81 6.16 -49.04
C ILE C 258 31.29 6.96 -50.22
N ASP C 259 30.43 6.33 -50.99
CA ASP C 259 29.91 6.92 -52.21
C ASP C 259 28.89 7.98 -51.82
N ILE C 260 29.29 9.22 -51.94
CA ILE C 260 28.46 10.32 -51.44
C ILE C 260 27.10 10.42 -52.14
N GLU C 261 27.10 10.16 -53.43
CA GLU C 261 25.89 10.26 -54.18
C GLU C 261 24.91 9.18 -53.76
N LYS C 262 25.40 7.99 -53.44
CA LYS C 262 24.50 6.98 -52.88
C LYS C 262 24.05 7.32 -51.52
N ALA C 263 24.90 7.93 -50.72
CA ALA C 263 24.39 8.45 -49.41
C ALA C 263 23.22 9.41 -49.61
N LYS C 264 23.29 10.22 -50.63
CA LYS C 264 22.21 11.18 -50.90
C LYS C 264 20.99 10.47 -51.43
N GLU C 265 21.20 9.45 -52.24
CA GLU C 265 20.11 8.66 -52.79
C GLU C 265 19.38 7.99 -51.63
N TYR C 266 20.13 7.44 -50.69
CA TYR C 266 19.56 6.86 -49.48
C TYR C 266 18.74 7.87 -48.71
N GLN C 267 19.33 9.02 -48.43
CA GLN C 267 18.62 10.06 -47.69
C GLN C 267 17.32 10.38 -48.46
N ASP C 268 17.38 10.43 -49.78
CA ASP C 268 16.23 10.88 -50.55
C ASP C 268 15.09 9.86 -50.48
N ILE C 269 15.44 8.59 -50.54
CA ILE C 269 14.49 7.52 -50.44
C ILE C 269 13.81 7.52 -49.06
N VAL C 270 14.60 7.63 -48.00
CA VAL C 270 14.06 7.75 -46.68
C VAL C 270 13.12 8.97 -46.60
N GLU C 271 13.51 10.10 -47.18
CA GLU C 271 12.68 11.27 -47.08
C GLU C 271 11.37 11.05 -47.90
N GLU C 272 11.43 10.36 -49.03
CA GLU C 272 10.25 10.05 -49.81
C GLU C 272 9.31 9.17 -48.99
N TYR C 273 9.87 8.28 -48.22
CA TYR C 273 9.08 7.37 -47.39
C TYR C 273 8.38 8.00 -46.18
N TYR C 274 8.89 9.10 -45.68
CA TYR C 274 8.39 9.73 -44.44
C TYR C 274 6.88 9.87 -44.28
N PRO C 275 6.20 10.41 -45.27
CA PRO C 275 4.73 10.48 -45.13
C PRO C 275 4.07 9.12 -45.03
N ILE C 276 4.65 8.13 -45.65
CA ILE C 276 4.05 6.81 -45.64
C ILE C 276 4.32 6.17 -44.26
N GLU C 277 5.52 6.39 -43.76
CA GLU C 277 5.85 5.96 -42.43
C GLU C 277 4.91 6.59 -41.38
N THR C 278 4.58 7.85 -41.59
CA THR C 278 3.72 8.56 -40.70
C THR C 278 2.33 7.91 -40.71
N ILE C 279 1.85 7.56 -41.89
CA ILE C 279 0.56 6.89 -42.05
C ILE C 279 0.56 5.54 -41.32
N VAL C 280 1.60 4.75 -41.55
CA VAL C 280 1.70 3.44 -40.99
C VAL C 280 1.70 3.47 -39.45
N TYR C 281 2.40 4.43 -38.89
CA TYR C 281 2.45 4.66 -37.44
C TYR C 281 1.03 4.89 -36.93
N GLY C 282 0.27 5.69 -37.65
CA GLY C 282 -1.11 5.93 -37.30
C GLY C 282 -1.98 4.67 -37.35
N ILE C 283 -1.75 3.80 -38.33
CA ILE C 283 -2.50 2.57 -38.43
C ILE C 283 -2.12 1.66 -37.28
N LYS C 284 -0.83 1.51 -37.08
CA LYS C 284 -0.31 0.60 -36.05
C LYS C 284 -0.72 0.99 -34.65
N ASN C 285 -0.82 2.28 -34.38
CA ASN C 285 -1.16 2.80 -33.07
C ASN C 285 -2.60 3.31 -32.96
N ILE C 286 -3.38 3.09 -34.01
CA ILE C 286 -4.77 3.55 -34.05
C ILE C 286 -4.87 5.05 -33.73
N LYS C 287 -4.11 5.86 -34.46
CA LYS C 287 -4.13 7.32 -34.27
C LYS C 287 -4.38 8.00 -35.59
N GLN C 288 -5.66 8.32 -35.81
CA GLN C 288 -6.13 8.93 -37.04
C GLN C 288 -5.35 10.21 -37.44
N GLU C 289 -4.96 10.95 -36.42
CA GLU C 289 -4.24 12.18 -36.57
C GLU C 289 -3.04 11.94 -37.47
N PHE C 290 -2.33 10.83 -37.28
CA PHE C 290 -1.10 10.57 -38.04
C PHE C 290 -1.41 10.08 -39.43
N ILE C 291 -2.47 9.29 -39.57
CA ILE C 291 -2.93 8.87 -40.87
C ILE C 291 -3.23 10.13 -41.73
N GLU C 292 -3.99 11.04 -41.18
CA GLU C 292 -4.31 12.29 -41.85
C GLU C 292 -3.06 13.14 -42.15
N ASN C 293 -2.15 13.29 -41.20
CA ASN C 293 -0.95 14.11 -41.42
C ASN C 293 -0.12 13.63 -42.57
N GLY C 294 0.05 12.32 -42.63
CA GLY C 294 0.80 11.72 -43.69
C GLY C 294 0.18 11.82 -45.05
N ARG C 295 -1.13 11.64 -45.14
CA ARG C 295 -1.81 11.76 -46.41
C ARG C 295 -1.68 13.22 -46.90
N LYS C 296 -1.89 14.16 -45.99
CA LYS C 296 -1.79 15.55 -46.36
C LYS C 296 -0.37 15.82 -46.89
N GLU C 297 0.62 15.18 -46.27
CA GLU C 297 2.03 15.47 -46.61
C GLU C 297 2.35 14.94 -48.00
N ILE C 298 1.66 13.88 -48.39
CA ILE C 298 1.74 13.40 -49.77
C ILE C 298 1.31 14.44 -50.79
N TYR C 299 0.21 15.14 -50.49
CA TYR C 299 -0.22 16.22 -51.34
C TYR C 299 0.76 17.38 -51.34
N LYS C 300 1.31 17.70 -50.19
CA LYS C 300 2.18 18.85 -50.17
C LYS C 300 3.45 18.55 -51.02
N ARG C 301 3.96 17.33 -50.90
CA ARG C 301 5.11 16.89 -51.68
C ARG C 301 4.77 16.77 -53.18
N THR C 302 3.58 16.26 -53.51
CA THR C 302 3.16 16.14 -54.88
C THR C 302 3.06 17.47 -55.61
N TYR C 303 2.63 18.53 -54.92
CA TYR C 303 2.41 19.81 -55.55
C TYR C 303 3.54 20.75 -55.37
N LYS C 304 4.64 20.30 -54.80
CA LYS C 304 5.80 21.24 -54.56
C LYS C 304 6.43 21.60 -55.88
N ASP D 6 1.88 18.28 -24.82
CA ASP D 6 0.52 18.43 -24.20
C ASP D 6 0.54 17.87 -22.78
N ASP D 7 0.40 18.76 -21.80
CA ASP D 7 0.43 18.39 -20.37
C ASP D 7 -0.70 17.41 -19.95
N ASN D 8 -1.87 17.50 -20.60
CA ASN D 8 -3.04 16.65 -20.26
C ASN D 8 -2.83 15.13 -20.40
N ALA D 9 -2.29 14.72 -21.55
CA ALA D 9 -2.12 13.30 -21.88
C ALA D 9 -1.09 12.58 -20.99
N THR D 10 -0.02 13.27 -20.62
CA THR D 10 1.07 12.66 -19.84
C THR D 10 0.74 12.53 -18.34
N ASN D 11 0.04 13.52 -17.77
CA ASN D 11 -0.32 13.50 -16.32
C ASN D 11 -1.29 12.35 -16.03
N VAL D 12 -2.21 12.23 -16.96
CA VAL D 12 -3.20 11.19 -16.96
C VAL D 12 -2.59 9.79 -17.02
N LYS D 13 -1.58 9.62 -17.88
CA LYS D 13 -0.88 8.33 -18.02
C LYS D 13 -0.24 7.86 -16.72
N ALA D 14 0.45 8.78 -16.05
CA ALA D 14 1.06 8.48 -14.77
C ALA D 14 0.00 8.04 -13.76
N MET D 15 -1.10 8.78 -13.72
CA MET D 15 -2.10 8.52 -12.68
C MET D 15 -2.80 7.21 -12.96
N LYS D 16 -3.04 6.96 -14.25
CA LYS D 16 -3.60 5.68 -14.68
C LYS D 16 -2.70 4.54 -14.18
N TYR D 17 -1.41 4.69 -14.39
CA TYR D 17 -0.43 3.72 -13.94
C TYR D 17 -0.51 3.51 -12.42
N LEU D 18 -0.54 4.59 -11.67
CA LEU D 18 -0.61 4.47 -10.20
C LEU D 18 -1.88 3.82 -9.73
N ILE D 19 -3.00 4.22 -10.33
CA ILE D 19 -4.28 3.60 -9.97
C ILE D 19 -4.25 2.11 -10.18
N GLU D 20 -3.85 1.71 -11.37
CA GLU D 20 -3.88 0.28 -11.71
C GLU D 20 -2.86 -0.51 -10.91
N HIS D 21 -1.83 0.19 -10.45
CA HIS D 21 -0.71 -0.41 -9.66
C HIS D 21 -1.11 -0.56 -8.20
N TYR D 22 -1.79 0.44 -7.66
CA TYR D 22 -2.18 0.42 -6.23
C TYR D 22 -3.53 -0.26 -5.94
N PHE D 23 -4.42 -0.28 -6.92
CA PHE D 23 -5.72 -0.95 -6.74
C PHE D 23 -5.83 -2.16 -7.62
N ASP D 24 -5.60 -3.27 -6.95
CA ASP D 24 -5.74 -4.58 -7.51
C ASP D 24 -6.98 -4.81 -8.28
N ASN D 25 -6.71 -5.05 -9.57
CA ASN D 25 -7.72 -5.44 -10.54
C ASN D 25 -8.69 -4.28 -10.83
N PHE D 26 -8.23 -3.06 -10.61
CA PHE D 26 -8.93 -1.93 -11.14
C PHE D 26 -8.39 -1.67 -12.53
N LYS D 27 -9.30 -1.60 -13.50
CA LYS D 27 -8.92 -1.31 -14.89
C LYS D 27 -9.39 0.06 -15.33
N VAL D 28 -8.47 0.87 -15.82
CA VAL D 28 -8.80 2.20 -16.31
C VAL D 28 -9.08 2.16 -17.79
N ASP D 29 -10.36 2.20 -18.16
CA ASP D 29 -10.73 2.30 -19.56
C ASP D 29 -10.71 3.73 -20.05
N SER D 30 -10.90 4.69 -19.16
CA SER D 30 -10.85 6.12 -19.54
C SER D 30 -10.52 6.94 -18.31
N ILE D 31 -9.90 8.09 -18.54
CA ILE D 31 -9.45 8.94 -17.44
C ILE D 31 -9.22 10.34 -17.96
N GLU D 32 -9.87 11.32 -17.33
CA GLU D 32 -9.65 12.73 -17.67
C GLU D 32 -9.57 13.55 -16.39
N ILE D 33 -8.82 14.65 -16.44
CA ILE D 33 -8.70 15.59 -15.33
C ILE D 33 -9.97 16.43 -15.25
N ILE D 34 -10.61 16.47 -14.08
CA ILE D 34 -11.79 17.29 -13.89
C ILE D 34 -11.54 18.46 -12.96
N GLY D 35 -10.45 18.43 -12.19
CA GLY D 35 -10.12 19.44 -11.20
C GLY D 35 -8.71 19.93 -11.26
N SER D 40 -2.85 19.33 -5.46
CA SER D 40 -3.69 18.15 -5.70
C SER D 40 -4.31 18.14 -7.11
N VAL D 41 -4.70 16.96 -7.59
CA VAL D 41 -5.40 16.83 -8.87
C VAL D 41 -6.49 15.81 -8.73
N ALA D 42 -7.64 16.11 -9.34
CA ALA D 42 -8.77 15.18 -9.36
C ALA D 42 -9.13 14.68 -10.77
N TYR D 43 -9.50 13.41 -10.85
CA TYR D 43 -9.66 12.71 -12.12
C TYR D 43 -10.98 12.01 -12.18
N LEU D 44 -11.62 12.07 -13.34
CA LEU D 44 -12.81 11.27 -13.61
C LEU D 44 -12.41 10.00 -14.38
N VAL D 45 -12.67 8.86 -13.77
CA VAL D 45 -12.20 7.60 -14.30
C VAL D 45 -13.38 6.72 -14.69
N ASN D 46 -13.32 6.16 -15.89
CA ASN D 46 -14.40 5.33 -16.44
C ASN D 46 -15.77 6.03 -16.44
N ASN D 47 -15.76 7.36 -16.53
CA ASN D 47 -16.99 8.17 -16.48
C ASN D 47 -17.88 7.92 -15.25
N GLU D 48 -17.27 7.38 -14.21
CA GLU D 48 -18.02 6.88 -13.06
C GLU D 48 -17.39 7.19 -11.70
N TYR D 49 -16.05 7.21 -11.63
CA TYR D 49 -15.31 7.36 -10.38
C TYR D 49 -14.51 8.63 -10.32
N ILE D 50 -14.57 9.31 -9.18
CA ILE D 50 -13.67 10.41 -8.90
C ILE D 50 -12.46 9.83 -8.18
N PHE D 51 -11.26 10.14 -8.68
CA PHE D 51 -10.04 9.91 -7.96
C PHE D 51 -9.35 11.21 -7.64
N LYS D 52 -9.27 11.49 -6.35
CA LYS D 52 -8.60 12.68 -5.81
C LYS D 52 -7.20 12.22 -5.46
N THR D 53 -6.18 12.96 -5.87
CA THR D 53 -4.83 12.56 -5.58
C THR D 53 -3.99 13.70 -5.12
N LYS D 54 -3.03 13.37 -4.29
CA LYS D 54 -2.17 14.38 -3.72
C LYS D 54 -0.79 13.80 -3.44
N PHE D 55 0.26 14.53 -3.76
CA PHE D 55 1.61 14.14 -3.37
C PHE D 55 2.05 14.93 -2.14
N SER D 56 2.13 14.29 -0.99
CA SER D 56 2.70 14.99 0.20
C SER D 56 4.13 14.53 0.49
N LYS D 61 -0.52 16.06 6.34
CA LYS D 61 -0.33 16.68 5.01
C LYS D 61 -1.04 15.95 3.85
N GLY D 62 -1.67 14.79 4.13
CA GLY D 62 -2.43 13.96 3.15
C GLY D 62 -3.93 13.73 3.50
N TYR D 63 -4.47 12.64 2.95
CA TYR D 63 -5.90 12.37 2.93
C TYR D 63 -6.50 11.44 4.01
N ALA D 64 -5.71 11.11 5.03
CA ALA D 64 -6.19 10.23 6.09
C ALA D 64 -7.36 10.83 6.85
N LYS D 65 -7.28 12.11 7.22
CA LYS D 65 -8.37 12.74 7.95
C LYS D 65 -9.61 12.85 7.10
N GLU D 66 -9.44 13.27 5.85
CA GLU D 66 -10.55 13.38 4.96
C GLU D 66 -11.29 12.03 4.84
N LYS D 67 -10.54 10.95 4.71
CA LYS D 67 -11.12 9.61 4.67
C LYS D 67 -11.86 9.25 5.97
N ALA D 68 -11.23 9.51 7.10
CA ALA D 68 -11.87 9.27 8.37
C ALA D 68 -13.17 10.05 8.47
N ILE D 69 -13.19 11.23 7.91
CA ILE D 69 -14.38 12.06 8.00
C ILE D 69 -15.52 11.54 7.12
N TYR D 70 -15.24 11.17 5.87
CA TYR D 70 -16.26 10.55 5.04
C TYR D 70 -16.83 9.29 5.70
N ASN D 71 -15.97 8.51 6.32
CA ASN D 71 -16.41 7.27 6.87
C ASN D 71 -17.29 7.56 8.11
N PHE D 72 -16.86 8.52 8.92
CA PHE D 72 -17.67 8.93 10.07
C PHE D 72 -19.04 9.43 9.65
N LEU D 73 -19.05 10.26 8.62
CA LEU D 73 -20.30 10.87 8.19
C LEU D 73 -21.24 9.87 7.51
N ASN D 74 -20.69 8.96 6.69
CA ASN D 74 -21.55 8.01 5.97
C ASN D 74 -22.19 7.01 6.96
N THR D 75 -21.51 6.78 8.07
CA THR D 75 -22.07 6.02 9.18
C THR D 75 -23.17 6.77 9.95
N ASN D 76 -22.95 8.05 10.21
CA ASN D 76 -23.76 8.74 11.22
C ASN D 76 -24.78 9.72 10.69
N LEU D 77 -24.59 10.29 9.51
CA LEU D 77 -25.56 11.25 9.02
C LEU D 77 -26.84 10.55 8.56
N GLU D 78 -27.98 11.13 8.85
CA GLU D 78 -29.24 10.71 8.23
C GLU D 78 -29.78 11.81 7.34
N THR D 79 -29.59 11.66 6.04
CA THR D 79 -29.87 12.72 5.10
C THR D 79 -29.97 12.12 3.74
N ASN D 80 -30.73 12.75 2.87
CA ASN D 80 -30.75 12.33 1.47
C ASN D 80 -29.68 13.02 0.62
N VAL D 81 -28.97 13.97 1.23
CA VAL D 81 -27.88 14.67 0.53
C VAL D 81 -26.68 13.72 0.43
N LYS D 82 -26.20 13.52 -0.78
CA LYS D 82 -25.10 12.61 -0.99
C LYS D 82 -23.76 13.25 -0.67
N ILE D 83 -22.85 12.44 -0.15
CA ILE D 83 -21.45 12.86 0.02
C ILE D 83 -20.51 11.77 -0.48
N PRO D 84 -19.24 12.09 -0.67
CA PRO D 84 -18.36 11.04 -1.13
C PRO D 84 -18.38 9.84 -0.22
N ASN D 85 -18.37 8.67 -0.84
CA ASN D 85 -18.29 7.43 -0.13
C ASN D 85 -17.10 6.64 -0.67
N ILE D 86 -16.06 6.58 0.15
CA ILE D 86 -14.76 6.11 -0.32
C ILE D 86 -14.74 4.61 -0.54
N GLU D 87 -14.47 4.19 -1.78
CA GLU D 87 -14.30 2.79 -2.10
C GLU D 87 -12.84 2.37 -2.29
N TYR D 88 -11.97 3.31 -2.63
CA TYR D 88 -10.56 3.03 -2.86
C TYR D 88 -9.76 4.05 -2.16
N SER D 89 -8.70 3.62 -1.48
CA SER D 89 -7.80 4.58 -0.87
C SER D 89 -6.39 4.01 -0.80
N TYR D 90 -5.42 4.87 -1.10
CA TYR D 90 -4.04 4.61 -0.81
C TYR D 90 -3.51 5.80 -0.08
N ILE D 91 -2.91 5.57 1.08
CA ILE D 91 -2.39 6.66 1.85
C ILE D 91 -1.01 6.37 2.35
N SER D 92 -0.07 7.21 1.93
CA SER D 92 1.32 7.12 2.34
C SER D 92 1.80 8.56 2.54
N ASP D 93 3.00 8.71 3.07
CA ASP D 93 3.56 10.04 3.32
C ASP D 93 3.67 10.85 2.03
N GLU D 94 4.10 10.20 0.95
CA GLU D 94 4.44 10.90 -0.28
C GLU D 94 3.27 10.92 -1.29
N LEU D 95 2.23 10.12 -1.06
CA LEU D 95 1.16 9.99 -2.05
C LEU D 95 -0.13 9.54 -1.40
N SER D 96 -1.20 10.24 -1.73
CA SER D 96 -2.53 9.86 -1.28
C SER D 96 -3.50 9.87 -2.42
N ILE D 97 -4.33 8.86 -2.44
CA ILE D 97 -5.38 8.72 -3.41
C ILE D 97 -6.67 8.31 -2.72
N LEU D 98 -7.76 8.99 -3.08
CA LEU D 98 -9.11 8.59 -2.65
C LEU D 98 -9.98 8.43 -3.88
N GLY D 99 -10.62 7.29 -3.98
CA GLY D 99 -11.54 7.01 -5.06
C GLY D 99 -12.96 6.78 -4.56
N TYR D 100 -13.94 7.38 -5.24
CA TYR D 100 -15.35 7.24 -4.87
C TYR D 100 -16.20 7.49 -6.08
N LYS D 101 -17.45 7.00 -6.05
CA LYS D 101 -18.32 7.20 -7.17
C LYS D 101 -18.70 8.68 -7.25
N GLU D 102 -18.53 9.24 -8.45
CA GLU D 102 -18.94 10.60 -8.77
C GLU D 102 -20.38 10.89 -8.36
N ILE D 103 -20.59 11.96 -7.59
CA ILE D 103 -21.93 12.47 -7.35
C ILE D 103 -22.39 13.27 -8.56
N LYS D 104 -23.54 12.91 -9.13
CA LYS D 104 -24.00 13.52 -10.38
C LYS D 104 -24.83 14.77 -10.05
N GLY D 105 -24.63 15.84 -10.79
CA GLY D 105 -25.41 17.04 -10.60
C GLY D 105 -24.70 18.24 -11.17
N THR D 106 -25.27 19.41 -10.95
CA THR D 106 -24.71 20.68 -11.40
C THR D 106 -24.29 21.50 -10.17
N PHE D 107 -23.11 22.10 -10.25
CA PHE D 107 -22.58 22.89 -9.14
C PHE D 107 -23.30 24.22 -9.08
N LEU D 108 -23.64 24.63 -7.87
CA LEU D 108 -24.26 25.92 -7.63
C LEU D 108 -23.31 27.04 -8.00
N THR D 109 -23.85 28.04 -8.71
CA THR D 109 -23.12 29.25 -9.03
C THR D 109 -24.03 30.41 -8.82
N PRO D 110 -23.45 31.62 -8.67
CA PRO D 110 -24.29 32.82 -8.64
C PRO D 110 -25.25 32.95 -9.79
N GLU D 111 -24.76 32.69 -11.00
CA GLU D 111 -25.60 32.83 -12.20
C GLU D 111 -26.82 31.91 -12.06
N ILE D 112 -26.60 30.67 -11.66
CA ILE D 112 -27.68 29.69 -11.55
C ILE D 112 -28.68 30.08 -10.47
N TYR D 113 -28.15 30.47 -9.31
CA TYR D 113 -29.00 30.92 -8.21
C TYR D 113 -29.97 32.04 -8.66
N SER D 114 -29.46 32.97 -9.47
CA SER D 114 -30.24 34.11 -9.86
C SER D 114 -31.36 33.75 -10.85
N THR D 115 -31.31 32.57 -11.45
CA THR D 115 -32.38 32.07 -12.34
C THR D 115 -33.39 31.19 -11.60
N MET D 116 -33.10 30.85 -10.35
CA MET D 116 -34.00 30.01 -9.61
C MET D 116 -35.23 30.82 -9.19
N SER D 117 -36.37 30.14 -9.14
CA SER D 117 -37.58 30.75 -8.63
C SER D 117 -37.41 31.00 -7.15
N GLU D 118 -38.19 31.92 -6.63
CA GLU D 118 -38.14 32.23 -5.22
C GLU D 118 -38.34 30.99 -4.31
N GLU D 119 -39.28 30.14 -4.69
CA GLU D 119 -39.54 28.91 -3.95
C GLU D 119 -38.33 28.01 -4.03
N GLU D 120 -37.75 27.84 -5.21
CA GLU D 120 -36.50 27.06 -5.34
C GLU D 120 -35.37 27.62 -4.47
N GLN D 121 -35.21 28.92 -4.43
CA GLN D 121 -34.17 29.47 -3.59
C GLN D 121 -34.45 29.18 -2.12
N ASN D 122 -35.69 29.39 -1.69
CA ASN D 122 -36.02 29.21 -0.27
C ASN D 122 -35.78 27.75 0.13
N LEU D 123 -36.14 26.81 -0.75
CA LEU D 123 -35.90 25.37 -0.50
C LEU D 123 -34.41 25.06 -0.42
N LEU D 124 -33.64 25.63 -1.33
CA LEU D 124 -32.19 25.39 -1.29
C LEU D 124 -31.60 25.88 0.04
N LYS D 125 -32.02 27.06 0.47
CA LYS D 125 -31.50 27.66 1.71
C LYS D 125 -31.89 26.78 2.87
N ARG D 126 -33.16 26.31 2.89
CA ARG D 126 -33.65 25.35 3.90
C ARG D 126 -32.87 24.03 3.90
N ASP D 127 -32.62 23.47 2.72
CA ASP D 127 -31.82 22.26 2.62
C ASP D 127 -30.38 22.48 3.19
N ILE D 128 -29.79 23.62 2.91
CA ILE D 128 -28.46 23.87 3.41
C ILE D 128 -28.48 23.97 4.91
N ALA D 129 -29.39 24.78 5.41
CA ALA D 129 -29.48 25.04 6.84
C ALA D 129 -29.67 23.72 7.57
N SER D 130 -30.50 22.89 6.98
CA SER D 130 -30.85 21.62 7.57
C SER D 130 -29.67 20.61 7.56
N PHE D 131 -28.95 20.58 6.46
CA PHE D 131 -27.74 19.77 6.43
C PHE D 131 -26.73 20.20 7.51
N LEU D 132 -26.49 21.49 7.59
CA LEU D 132 -25.48 22.00 8.53
C LEU D 132 -25.93 21.73 9.93
N ARG D 133 -27.24 21.87 10.20
CA ARG D 133 -27.76 21.66 11.55
CA ARG D 133 -27.75 21.64 11.54
C ARG D 133 -27.52 20.19 11.94
N GLN D 134 -27.81 19.29 11.03
CA GLN D 134 -27.60 17.89 11.32
C GLN D 134 -26.12 17.60 11.54
N MET D 135 -25.24 18.15 10.71
CA MET D 135 -23.80 17.80 10.81
C MET D 135 -23.18 18.38 12.08
N HIS D 136 -23.51 19.63 12.36
CA HIS D 136 -23.01 20.35 13.52
C HIS D 136 -23.56 19.79 14.79
N GLY D 137 -24.71 19.13 14.71
CA GLY D 137 -25.26 18.46 15.87
C GLY D 137 -24.67 17.10 16.20
N LEU D 138 -23.81 16.55 15.36
CA LEU D 138 -23.34 15.19 15.58
C LEU D 138 -22.42 15.08 16.77
N ASP D 139 -22.58 14.01 17.53
CA ASP D 139 -21.62 13.67 18.57
C ASP D 139 -20.33 13.26 17.89
N TYR D 140 -19.28 14.07 18.04
CA TYR D 140 -18.01 13.88 17.30
C TYR D 140 -16.91 13.13 18.07
N THR D 141 -17.31 12.44 19.13
CA THR D 141 -16.37 11.65 19.93
C THR D 141 -15.50 10.70 19.12
N ASP D 142 -16.11 9.99 18.18
CA ASP D 142 -15.40 8.98 17.42
C ASP D 142 -14.29 9.52 16.50
N ILE D 143 -14.37 10.80 16.15
CA ILE D 143 -13.31 11.49 15.38
C ILE D 143 -12.74 12.63 16.20
N SER D 144 -12.68 12.49 17.51
CA SER D 144 -12.32 13.62 18.37
C SER D 144 -10.89 14.14 18.14
N GLU D 145 -10.04 13.30 17.55
CA GLU D 145 -8.69 13.72 17.19
C GLU D 145 -8.65 14.80 16.08
N CYS D 146 -9.70 14.87 15.23
CA CYS D 146 -9.71 15.78 14.06
C CYS D 146 -10.01 17.21 14.40
N THR D 147 -9.35 17.76 15.40
CA THR D 147 -9.61 19.14 15.78
C THR D 147 -8.80 20.07 14.93
N ILE D 148 -9.32 21.28 14.79
CA ILE D 148 -8.59 22.33 14.12
C ILE D 148 -8.68 23.61 14.93
N ASP D 149 -7.50 24.20 15.14
CA ASP D 149 -7.37 25.41 15.89
C ASP D 149 -6.89 26.51 14.95
N ASN D 150 -7.81 27.33 14.50
CA ASN D 150 -7.50 28.32 13.48
C ASN D 150 -6.55 29.38 13.99
N LYS D 151 -6.74 29.78 15.22
CA LYS D 151 -5.83 30.78 15.80
C LYS D 151 -4.37 30.31 15.88
N GLN D 152 -4.18 29.10 16.40
CA GLN D 152 -2.86 28.49 16.43
C GLN D 152 -2.27 28.35 15.02
N ASN D 153 -3.10 27.95 14.06
CA ASN D 153 -2.61 27.77 12.68
C ASN D 153 -2.08 29.07 12.12
N VAL D 154 -2.82 30.13 12.37
CA VAL D 154 -2.37 31.44 11.95
C VAL D 154 -1.08 31.84 12.68
N LEU D 155 -0.99 31.56 13.98
CA LEU D 155 0.24 31.86 14.70
C LEU D 155 1.43 31.17 14.03
N GLU D 156 1.30 29.89 13.71
CA GLU D 156 2.37 29.13 13.05
C GLU D 156 2.72 29.69 11.67
N GLU D 157 1.71 30.15 10.95
CA GLU D 157 1.96 30.80 9.66
C GLU D 157 2.66 32.14 9.82
N TYR D 158 2.34 32.85 10.90
CA TYR D 158 3.00 34.11 11.17
C TYR D 158 4.50 33.86 11.49
N ILE D 159 4.78 32.81 12.23
CA ILE D 159 6.15 32.50 12.61
C ILE D 159 6.94 32.18 11.34
N LEU D 160 6.32 31.43 10.46
CA LEU D 160 6.94 31.12 9.21
C LEU D 160 7.27 32.41 8.42
N LEU D 161 6.31 33.35 8.37
CA LEU D 161 6.57 34.65 7.73
C LEU D 161 7.77 35.32 8.32
N ARG D 162 7.83 35.36 9.65
CA ARG D 162 8.92 36.01 10.36
C ARG D 162 10.25 35.35 10.05
N GLU D 163 10.23 34.04 9.85
CA GLU D 163 11.47 33.27 9.55
C GLU D 163 11.90 33.38 8.10
N THR D 164 11.05 33.90 7.22
CA THR D 164 11.34 33.94 5.81
C THR D 164 11.38 35.36 5.30
N ILE D 165 10.27 35.87 4.80
CA ILE D 165 10.31 37.11 4.03
C ILE D 165 9.85 38.38 4.74
N TYR D 166 9.41 38.24 5.98
CA TYR D 166 8.84 39.38 6.72
C TYR D 166 9.74 40.58 6.66
N ASN D 167 11.05 40.38 6.87
CA ASN D 167 11.98 41.52 6.93
C ASN D 167 12.14 42.29 5.64
N ASP D 168 11.80 41.66 4.52
CA ASP D 168 11.86 42.31 3.20
C ASP D 168 10.55 42.93 2.79
N LEU D 169 9.53 42.85 3.63
CA LEU D 169 8.27 43.47 3.29
C LEU D 169 8.34 44.98 3.50
N THR D 170 7.40 45.68 2.88
CA THR D 170 7.31 47.12 3.11
C THR D 170 6.64 47.41 4.44
N ASP D 171 6.77 48.65 4.89
CA ASP D 171 6.11 49.08 6.11
C ASP D 171 4.59 48.93 6.03
N ILE D 172 4.05 49.25 4.87
CA ILE D 172 2.61 49.11 4.66
C ILE D 172 2.17 47.65 4.83
N GLU D 173 2.97 46.75 4.29
CA GLU D 173 2.69 45.32 4.34
C GLU D 173 2.86 44.79 5.78
N LYS D 174 3.93 45.22 6.44
CA LYS D 174 4.12 44.87 7.84
C LYS D 174 3.00 45.36 8.73
N ASP D 175 2.59 46.60 8.55
CA ASP D 175 1.48 47.15 9.32
C ASP D 175 0.17 46.38 9.08
N TYR D 176 -0.07 45.95 7.86
CA TYR D 176 -1.27 45.21 7.60
C TYR D 176 -1.25 43.94 8.42
N ILE D 177 -0.11 43.26 8.39
CA ILE D 177 0.01 41.95 9.08
C ILE D 177 -0.07 42.08 10.59
N GLU D 178 0.61 43.08 11.12
CA GLU D 178 0.58 43.32 12.55
C GLU D 178 -0.81 43.73 13.03
N SER D 179 -1.48 44.52 12.23
CA SER D 179 -2.78 45.03 12.60
C SER D 179 -3.76 43.84 12.62
N PHE D 180 -3.55 42.93 11.70
CA PHE D 180 -4.33 41.72 11.70
C PHE D 180 -4.04 40.89 12.93
N MET D 181 -2.77 40.69 13.26
CA MET D 181 -2.39 39.88 14.42
C MET D 181 -2.98 40.46 15.70
N GLU D 182 -3.01 41.77 15.80
CA GLU D 182 -3.61 42.43 16.95
C GLU D 182 -5.13 42.10 17.03
N ARG D 183 -5.82 42.14 15.90
CA ARG D 183 -7.24 41.84 15.88
C ARG D 183 -7.47 40.37 16.28
N LEU D 184 -6.65 39.48 15.74
CA LEU D 184 -6.73 38.07 16.06
C LEU D 184 -6.59 37.78 17.54
N ASN D 185 -5.70 38.52 18.19
CA ASN D 185 -5.46 38.35 19.60
C ASN D 185 -6.62 38.84 20.45
N ALA D 186 -7.32 39.86 19.97
CA ALA D 186 -8.40 40.51 20.74
C ALA D 186 -9.80 39.93 20.49
N THR D 187 -10.00 39.20 19.41
CA THR D 187 -11.34 38.72 19.08
C THR D 187 -11.83 37.66 20.05
N THR D 188 -13.15 37.59 20.20
CA THR D 188 -13.81 36.55 20.99
C THR D 188 -14.49 35.50 20.12
N VAL D 189 -14.36 35.58 18.81
CA VAL D 189 -15.15 34.69 17.95
C VAL D 189 -14.73 33.23 18.00
N PHE D 190 -13.62 32.94 18.69
CA PHE D 190 -13.17 31.55 18.85
C PHE D 190 -13.74 30.89 20.11
N GLU D 191 -14.54 31.61 20.89
CA GLU D 191 -14.91 31.14 22.22
C GLU D 191 -16.28 30.51 22.26
N GLY D 192 -16.86 30.24 21.11
CA GLY D 192 -18.17 29.67 21.05
C GLY D 192 -18.17 28.17 20.84
N LYS D 193 -19.30 27.68 20.35
CA LYS D 193 -19.52 26.27 20.11
C LYS D 193 -18.56 25.71 19.07
N LYS D 194 -17.96 24.59 19.45
CA LYS D 194 -17.12 23.80 18.56
C LYS D 194 -17.89 22.60 18.07
N CYS D 195 -17.68 22.26 16.81
CA CYS D 195 -18.37 21.13 16.27
C CYS D 195 -17.74 20.75 14.96
N LEU D 196 -18.21 19.64 14.44
CA LEU D 196 -17.76 19.17 13.18
C LEU D 196 -18.30 20.02 12.05
N CYS D 197 -17.39 20.64 11.29
CA CYS D 197 -17.72 21.50 10.16
C CYS D 197 -17.06 21.05 8.88
N HIS D 198 -17.71 21.35 7.78
CA HIS D 198 -17.18 21.07 6.46
C HIS D 198 -15.91 21.87 6.20
N ASN D 199 -16.01 23.14 6.57
CA ASN D 199 -14.89 24.07 6.64
C ASN D 199 -14.33 24.56 5.31
N ASP D 200 -15.06 24.32 4.25
CA ASP D 200 -14.78 24.95 2.96
C ASP D 200 -16.10 25.02 2.17
N PHE D 201 -17.11 25.52 2.85
CA PHE D 201 -18.49 25.31 2.44
C PHE D 201 -18.91 26.44 1.51
N SER D 202 -18.49 26.33 0.27
CA SER D 202 -18.65 27.36 -0.70
C SER D 202 -19.44 26.75 -1.82
N CYS D 203 -19.96 27.56 -2.73
CA CYS D 203 -20.91 26.94 -3.68
C CYS D 203 -20.36 26.07 -4.76
N ASN D 204 -19.06 26.13 -4.99
CA ASN D 204 -18.43 25.20 -5.90
C ASN D 204 -18.33 23.79 -5.30
N HIS D 205 -18.82 23.62 -4.06
CA HIS D 205 -18.83 22.29 -3.46
C HIS D 205 -20.21 21.76 -3.27
N LEU D 206 -21.21 22.51 -3.75
CA LEU D 206 -22.60 22.12 -3.58
C LEU D 206 -23.21 21.73 -4.91
N LEU D 207 -23.79 20.54 -4.94
CA LEU D 207 -24.39 20.03 -6.16
C LEU D 207 -25.90 20.10 -6.14
N LEU D 208 -26.46 20.50 -7.27
CA LEU D 208 -27.89 20.52 -7.47
C LEU D 208 -28.34 19.45 -8.45
N ASP D 209 -29.53 18.88 -8.20
CA ASP D 209 -30.19 18.01 -9.16
C ASP D 209 -30.99 18.83 -10.18
N GLY D 210 -31.75 18.14 -11.03
CA GLY D 210 -32.51 18.77 -12.12
C GLY D 210 -33.66 19.67 -11.70
N ASN D 211 -34.10 19.51 -10.46
CA ASN D 211 -35.07 20.44 -9.82
C ASN D 211 -34.46 21.55 -8.98
N ASN D 212 -33.16 21.76 -9.12
CA ASN D 212 -32.38 22.73 -8.33
C ASN D 212 -32.49 22.51 -6.82
N ARG D 213 -32.69 21.26 -6.40
CA ARG D 213 -32.57 20.92 -5.01
C ARG D 213 -31.14 20.48 -4.74
N LEU D 214 -30.73 20.66 -3.48
CA LEU D 214 -29.43 20.27 -3.04
C LEU D 214 -29.38 18.77 -3.13
N THR D 215 -28.49 18.24 -3.95
CA THR D 215 -28.39 16.79 -4.10
C THR D 215 -27.07 16.20 -3.56
N GLY D 216 -26.04 17.02 -3.46
CA GLY D 216 -24.76 16.54 -2.95
C GLY D 216 -23.81 17.62 -2.49
N ILE D 217 -22.88 17.19 -1.65
CA ILE D 217 -21.81 18.03 -1.12
C ILE D 217 -20.48 17.27 -1.16
N ILE D 218 -19.46 17.94 -1.68
CA ILE D 218 -18.15 17.34 -1.90
C ILE D 218 -17.09 18.10 -1.13
N ASP D 219 -15.89 17.52 -1.14
CA ASP D 219 -14.67 18.14 -0.63
C ASP D 219 -14.76 18.50 0.84
N PHE D 220 -14.76 17.45 1.64
CA PHE D 220 -14.66 17.61 3.09
C PHE D 220 -13.19 17.54 3.50
N GLY D 221 -12.31 17.94 2.60
CA GLY D 221 -10.87 17.89 2.80
C GLY D 221 -10.26 18.85 3.78
N ASP D 222 -11.03 19.83 4.24
CA ASP D 222 -10.60 20.73 5.28
C ASP D 222 -11.47 20.57 6.53
N SER D 223 -12.33 19.58 6.56
CA SER D 223 -13.25 19.38 7.64
C SER D 223 -12.56 19.04 8.95
N GLY D 224 -13.20 19.45 10.03
CA GLY D 224 -12.73 19.10 11.34
C GLY D 224 -13.62 19.70 12.38
N ILE D 225 -13.21 19.51 13.62
CA ILE D 225 -13.92 20.00 14.75
C ILE D 225 -13.32 21.36 14.98
N ILE D 226 -14.18 22.36 14.91
CA ILE D 226 -13.75 23.73 14.78
C ILE D 226 -14.97 24.64 15.12
N ASP D 227 -14.77 25.94 15.08
CA ASP D 227 -15.89 26.82 15.41
C ASP D 227 -17.10 26.63 14.49
N GLU D 228 -18.28 26.52 15.11
CA GLU D 228 -19.54 26.46 14.40
C GLU D 228 -19.66 27.57 13.32
N TYR D 229 -19.13 28.75 13.60
CA TYR D 229 -19.15 29.85 12.62
C TYR D 229 -18.47 29.57 11.28
N CYS D 230 -17.52 28.65 11.28
CA CYS D 230 -16.68 28.40 10.09
C CYS D 230 -17.46 28.00 8.87
N ASP D 231 -18.57 27.30 9.08
CA ASP D 231 -19.35 26.87 7.93
C ASP D 231 -20.20 27.95 7.28
N PHE D 232 -20.13 29.19 7.77
CA PHE D 232 -20.89 30.27 7.17
C PHE D 232 -20.00 31.29 6.49
N ILE D 233 -18.71 31.06 6.52
CA ILE D 233 -17.73 32.03 6.02
C ILE D 233 -17.87 32.34 4.54
N TYR D 234 -18.16 31.32 3.74
CA TYR D 234 -18.29 31.53 2.32
C TYR D 234 -19.73 31.82 1.97
N LEU D 235 -20.69 31.29 2.75
CA LEU D 235 -22.10 31.63 2.53
C LEU D 235 -22.28 33.14 2.78
N LEU D 236 -21.50 33.70 3.68
CA LEU D 236 -21.51 35.14 3.95
C LEU D 236 -20.61 35.97 3.04
N GLU D 237 -19.85 35.33 2.15
CA GLU D 237 -18.88 36.06 1.34
C GLU D 237 -19.52 36.87 0.24
N ASP D 238 -18.98 38.06 0.06
CA ASP D 238 -19.40 38.94 -1.01
C ASP D 238 -18.27 38.99 -2.04
N SER D 239 -18.47 38.28 -3.16
CA SER D 239 -17.46 38.11 -4.19
C SER D 239 -18.08 37.54 -5.43
N GLU D 240 -17.33 37.56 -6.53
CA GLU D 240 -17.77 36.96 -7.79
C GLU D 240 -18.03 35.45 -7.68
N GLU D 241 -17.28 34.76 -6.82
CA GLU D 241 -17.43 33.32 -6.70
C GLU D 241 -18.66 32.90 -5.89
N GLU D 242 -19.13 33.75 -4.99
CA GLU D 242 -20.14 33.33 -4.05
C GLU D 242 -21.40 34.10 -4.32
N ILE D 243 -22.47 33.67 -3.67
CA ILE D 243 -23.80 34.23 -3.96
C ILE D 243 -24.01 35.59 -3.38
N GLY D 244 -23.62 35.77 -2.12
CA GLY D 244 -23.69 37.08 -1.46
C GLY D 244 -24.02 37.02 0.01
N THR D 245 -23.71 38.09 0.71
CA THR D 245 -24.00 38.22 2.16
C THR D 245 -25.44 37.88 2.53
N ASN D 246 -26.40 38.28 1.73
CA ASN D 246 -27.80 38.01 2.06
C ASN D 246 -28.18 36.55 2.06
N PHE D 247 -27.50 35.80 1.22
CA PHE D 247 -27.70 34.36 1.14
C PHE D 247 -27.33 33.73 2.45
N GLY D 248 -26.16 34.11 2.94
CA GLY D 248 -25.68 33.58 4.20
C GLY D 248 -26.45 34.05 5.42
N GLU D 249 -26.84 35.32 5.41
CA GLU D 249 -27.71 35.85 6.46
C GLU D 249 -29.03 35.09 6.53
N ASP D 250 -29.64 34.88 5.37
CA ASP D 250 -30.88 34.12 5.32
C ASP D 250 -30.73 32.70 5.84
N ILE D 251 -29.61 32.09 5.50
CA ILE D 251 -29.39 30.70 5.90
C ILE D 251 -29.18 30.65 7.39
N LEU D 252 -28.45 31.64 7.90
CA LEU D 252 -28.22 31.71 9.34
C LEU D 252 -29.56 31.85 10.07
N ARG D 253 -30.47 32.63 9.52
CA ARG D 253 -31.76 32.77 10.14
C ARG D 253 -32.55 31.48 10.19
N MET D 254 -32.52 30.73 9.12
CA MET D 254 -33.15 29.40 9.08
C MET D 254 -32.48 28.40 10.00
N TYR D 255 -31.16 28.47 10.06
CA TYR D 255 -30.39 27.57 10.90
C TYR D 255 -30.76 27.81 12.35
N GLY D 256 -30.83 29.08 12.74
CA GLY D 256 -31.24 29.47 14.08
C GLY D 256 -30.18 29.27 15.17
N ASN D 257 -30.43 29.91 16.29
CA ASN D 257 -29.63 29.77 17.49
C ASN D 257 -28.18 29.98 17.21
N ILE D 258 -27.89 31.10 16.58
CA ILE D 258 -26.52 31.46 16.33
C ILE D 258 -26.41 32.96 16.22
N ASP D 259 -25.34 33.49 16.81
CA ASP D 259 -25.09 34.89 16.83
C ASP D 259 -24.64 35.32 15.44
N ILE D 260 -25.53 35.94 14.68
CA ILE D 260 -25.25 36.31 13.29
C ILE D 260 -24.09 37.32 13.19
N GLU D 261 -24.01 38.25 14.16
CA GLU D 261 -22.98 39.28 14.11
C GLU D 261 -21.63 38.68 14.31
N LYS D 262 -21.55 37.70 15.19
CA LYS D 262 -20.25 37.01 15.36
C LYS D 262 -19.90 36.14 14.19
N ALA D 263 -20.89 35.51 13.57
CA ALA D 263 -20.63 34.84 12.32
C ALA D 263 -20.02 35.77 11.28
N LYS D 264 -20.53 36.99 11.22
CA LYS D 264 -20.00 37.95 10.25
C LYS D 264 -18.65 38.46 10.65
N GLU D 265 -18.41 38.59 11.95
CA GLU D 265 -17.11 38.98 12.45
C GLU D 265 -16.07 37.92 12.03
N TYR D 266 -16.41 36.66 12.26
CA TYR D 266 -15.55 35.54 11.92
C TYR D 266 -15.23 35.59 10.44
N GLN D 267 -16.26 35.74 9.63
CA GLN D 267 -16.02 35.81 8.21
C GLN D 267 -15.11 37.02 7.83
N ASP D 268 -15.32 38.16 8.49
CA ASP D 268 -14.57 39.37 8.18
C ASP D 268 -13.08 39.21 8.54
N ILE D 269 -12.82 38.52 9.63
CA ILE D 269 -11.45 38.20 10.07
C ILE D 269 -10.78 37.27 9.08
N VAL D 270 -11.49 36.23 8.68
CA VAL D 270 -10.97 35.30 7.69
C VAL D 270 -10.71 36.06 6.41
N GLU D 271 -11.59 36.97 6.03
CA GLU D 271 -11.36 37.71 4.81
C GLU D 271 -10.15 38.69 4.94
N GLU D 272 -9.95 39.30 6.10
CA GLU D 272 -8.79 40.15 6.33
C GLU D 272 -7.52 39.31 6.18
N TYR D 273 -7.57 38.05 6.61
CA TYR D 273 -6.42 37.17 6.56
C TYR D 273 -6.03 36.69 5.16
N TYR D 274 -6.99 36.67 4.24
CA TYR D 274 -6.82 36.08 2.91
C TYR D 274 -5.53 36.46 2.15
N PRO D 275 -5.22 37.74 2.01
CA PRO D 275 -3.95 38.09 1.36
C PRO D 275 -2.74 37.49 2.06
N ILE D 276 -2.81 37.37 3.38
CA ILE D 276 -1.67 36.86 4.15
C ILE D 276 -1.56 35.36 3.95
N GLU D 277 -2.70 34.70 3.97
CA GLU D 277 -2.76 33.29 3.65
C GLU D 277 -2.22 33.02 2.26
N THR D 278 -2.52 33.93 1.34
CA THR D 278 -2.09 33.78 -0.05
C THR D 278 -0.56 33.82 -0.09
N ILE D 279 0.01 34.76 0.64
CA ILE D 279 1.46 34.93 0.70
C ILE D 279 2.10 33.69 1.26
N VAL D 280 1.54 33.21 2.36
CA VAL D 280 2.07 32.05 3.05
C VAL D 280 2.09 30.81 2.16
N TYR D 281 1.00 30.61 1.44
CA TYR D 281 0.89 29.53 0.45
C TYR D 281 2.04 29.62 -0.55
N GLY D 282 2.33 30.82 -1.03
CA GLY D 282 3.41 31.04 -1.97
C GLY D 282 4.78 30.70 -1.40
N ILE D 283 4.99 31.02 -0.12
CA ILE D 283 6.24 30.67 0.54
C ILE D 283 6.33 29.15 0.69
N LYS D 284 5.26 28.57 1.22
CA LYS D 284 5.24 27.13 1.51
C LYS D 284 5.45 26.28 0.25
N ASN D 285 4.92 26.74 -0.87
CA ASN D 285 4.97 25.97 -2.11
C ASN D 285 5.97 26.54 -3.11
N ILE D 286 6.76 27.50 -2.67
CA ILE D 286 7.77 28.13 -3.52
C ILE D 286 7.13 28.63 -4.82
N LYS D 287 6.08 29.43 -4.69
CA LYS D 287 5.41 30.02 -5.87
C LYS D 287 5.31 31.52 -5.71
N GLN D 288 6.28 32.20 -6.29
CA GLN D 288 6.41 33.66 -6.25
C GLN D 288 5.14 34.40 -6.66
N GLU D 289 4.45 33.81 -7.62
CA GLU D 289 3.20 34.36 -8.14
C GLU D 289 2.23 34.69 -7.00
N PHE D 290 2.12 33.78 -6.04
CA PHE D 290 1.18 33.94 -4.91
C PHE D 290 1.68 34.94 -3.89
N ILE D 291 2.99 34.96 -3.68
CA ILE D 291 3.60 35.94 -2.81
C ILE D 291 3.27 37.34 -3.35
N GLU D 292 3.50 37.52 -4.63
CA GLU D 292 3.24 38.79 -5.28
C GLU D 292 1.75 39.16 -5.25
N ASN D 293 0.87 38.19 -5.52
CA ASN D 293 -0.58 38.47 -5.55
C ASN D 293 -1.10 38.95 -4.21
N GLY D 294 -0.65 38.28 -3.17
CA GLY D 294 -1.04 38.62 -1.82
C GLY D 294 -0.57 39.99 -1.39
N ARG D 295 0.67 40.32 -1.73
CA ARG D 295 1.21 41.62 -1.35
C ARG D 295 0.46 42.72 -2.07
N LYS D 296 0.21 42.50 -3.35
CA LYS D 296 -0.54 43.46 -4.14
C LYS D 296 -1.93 43.64 -3.58
N GLU D 297 -2.52 42.55 -3.11
CA GLU D 297 -3.86 42.61 -2.54
C GLU D 297 -3.90 43.43 -1.23
N ILE D 298 -2.81 43.39 -0.49
CA ILE D 298 -2.66 44.23 0.71
C ILE D 298 -2.74 45.71 0.36
N TYR D 299 -2.05 46.10 -0.71
CA TYR D 299 -2.09 47.50 -1.19
C TYR D 299 -3.48 47.88 -1.66
N LYS D 300 -4.17 46.97 -2.34
CA LYS D 300 -5.51 47.31 -2.78
C LYS D 300 -6.38 47.56 -1.55
N ARG D 301 -6.31 46.64 -0.58
CA ARG D 301 -7.12 46.74 0.65
C ARG D 301 -6.71 47.99 1.50
N THR D 302 -5.44 48.38 1.51
CA THR D 302 -5.00 49.63 2.16
C THR D 302 -5.58 50.89 1.48
PG GNP E . 9.50 -21.18 2.52
PG GNP E . 8.10 -17.54 2.23
O1G GNP E . 9.96 -21.73 3.79
O1G GNP E . 9.37 -17.71 2.92
O2G GNP E . 10.00 -22.11 1.35
O2G GNP E . 7.70 -16.06 2.34
O3G GNP E . 10.16 -19.76 2.39
O3G GNP E . 8.06 -18.03 0.73
N3B GNP E . 7.87 -20.99 2.39
N3B GNP E . 6.93 -18.42 2.97
PB GNP E . 7.00 -19.63 2.14
PB GNP E . 6.69 -20.01 2.74
O1B GNP E . 6.95 -18.78 3.32
O1B GNP E . 7.87 -20.72 2.27
O2B GNP E . 7.53 -18.84 0.90
O2B GNP E . 6.30 -20.67 4.02
O3A GNP E . 5.52 -20.11 1.77
O3A GNP E . 5.48 -20.03 1.70
PA GNP E . 5.05 -21.11 0.61
O1A GNP E . 6.06 -22.20 0.36
O2A GNP E . 4.85 -20.24 -0.58
O5' GNP E . 3.66 -21.74 1.07
C5' GNP E . 3.57 -22.17 2.44
C4' GNP E . 3.00 -23.56 2.38
O4' GNP E . 1.60 -23.48 2.05
C3' GNP E . 3.57 -24.50 1.33
O3' GNP E . 4.67 -25.20 1.87
C2' GNP E . 2.43 -25.49 1.14
O2' GNP E . 2.30 -26.39 2.23
C1' GNP E . 1.22 -24.56 1.23
N9 GNP E . 0.79 -24.03 -0.07
C8 GNP E . 1.04 -22.80 -0.61
N7 GNP E . 0.54 -22.65 -1.82
C5 GNP E . -0.11 -23.86 -2.06
C6 GNP E . -0.87 -24.24 -3.12
O6 GNP E . -1.17 -23.54 -4.08
N1 GNP E . -1.30 -25.54 -3.02
C2 GNP E . -1.08 -26.36 -1.96
N2 GNP E . -1.53 -27.60 -2.02
N3 GNP E . -0.40 -25.95 -0.89
C4 GNP E . 0.06 -24.71 -1.01
C1 KAN F . 18.98 -27.02 3.33
C2 KAN F . 20.36 -27.64 3.14
C3 KAN F . 20.34 -29.14 3.43
C4 KAN F . 19.70 -29.42 4.77
C5 KAN F . 18.31 -28.82 4.82
C6 KAN F . 17.67 -29.03 6.16
C7 KAN F . 14.84 -25.73 0.35
C8 KAN F . 15.27 -25.06 1.65
C9 KAN F . 16.71 -25.46 2.03
C10 KAN F . 16.79 -26.97 2.19
C11 KAN F . 16.23 -27.72 0.98
C12 KAN F . 14.82 -27.24 0.59
C13 KAN F . 15.06 -22.82 2.50
C14 KAN F . 14.03 -21.74 2.19
C15 KAN F . 14.56 -20.77 1.13
C16 KAN F . 15.90 -20.24 1.61
C17 KAN F . 16.89 -21.35 1.93
C18 KAN F . 18.17 -20.81 2.54
N1 KAN F . 16.49 -28.18 6.28
N2 KAN F . 16.20 -29.15 1.28
N3 KAN F . 13.56 -25.20 -0.16
N4 KAN F . 13.70 -19.61 0.90
O5 KAN F . 18.41 -27.41 4.58
O6 KAN F . 20.76 -27.44 1.78
O7 KAN F . 21.65 -29.67 3.44
O8 KAN F . 19.58 -30.81 4.95
O9 KAN F . 18.16 -27.38 2.22
O10 KAN F . 17.07 -24.83 3.26
O11 KAN F . 15.26 -23.65 1.37
O12 KAN F . 16.29 -22.25 2.89
O13 KAN F . 12.81 -22.33 1.73
O14 KAN F . 16.46 -19.47 0.56
O15 KAN F . 19.03 -21.85 2.99
MG MG G . 8.01 -22.46 0.77
MG MG H . 9.35 -18.98 -0.18
CL CL I . 25.64 -17.95 19.52
PG GNP J . -13.03 -13.31 30.98
PG GNP J . -13.76 -10.81 28.52
O1G GNP J . -13.11 -14.76 30.80
O1G GNP J . -14.66 -11.95 28.43
O2G GNP J . -13.08 -12.94 32.56
O2G GNP J . -13.80 -10.08 27.10
O3G GNP J . -14.39 -12.79 30.31
O3G GNP J . -14.17 -9.80 29.65
N3B GNP J . -11.79 -12.55 30.24
N3B GNP J . -12.17 -11.12 28.57
PB GNP J . -11.73 -11.01 29.68
PB GNP J . -11.19 -11.52 29.80
O1B GNP J . -11.70 -10.92 28.24
O1B GNP J . -11.89 -12.06 30.95
O2B GNP J . -13.07 -10.34 30.22
O2B GNP J . -10.20 -12.53 29.31
O3A GNP J . -10.45 -10.16 30.25
O3A GNP J . -10.37 -10.15 30.21
PA GNP J . -9.99 -9.53 31.65
O1A GNP J . -10.35 -10.41 32.78
O2A GNP J . -10.49 -8.14 31.66
O5' GNP J . -8.39 -9.54 31.52
C5' GNP J . -7.77 -10.80 31.18
C4' GNP J . -6.60 -11.00 32.10
O4' GNP J . -5.60 -9.96 31.92
C3' GNP J . -6.90 -10.95 33.57
O3' GNP J . -7.43 -12.19 34.01
C2' GNP J . -5.53 -10.69 34.15
O2' GNP J . -4.75 -11.86 34.11
C1' GNP J . -4.95 -9.70 33.15
N9 GNP J . -5.19 -8.27 33.51
C8 GNP J . -6.13 -7.46 32.94
N7 GNP J . -6.18 -6.28 33.49
C5 GNP J . -5.18 -6.31 34.44
C6 GNP J . -4.69 -5.26 35.33
O6 GNP J . -4.98 -4.07 35.31
N1 GNP J . -3.69 -5.71 36.17
C2 GNP J . -3.16 -6.98 36.13
N2 GNP J . -2.23 -7.24 37.02
N3 GNP J . -3.55 -7.92 35.28
C4 GNP J . -4.58 -7.52 34.48
C1 KAN K . -17.93 -21.48 37.30
C2 KAN K . -18.86 -22.31 38.18
C3 KAN K . -18.08 -23.23 39.12
C4 KAN K . -17.07 -24.04 38.33
C5 KAN K . -16.14 -23.08 37.62
C6 KAN K . -15.04 -23.82 36.90
C7 KAN K . -15.99 -16.62 37.22
C8 KAN K . -16.31 -17.49 36.01
C9 KAN K . -17.19 -18.67 36.41
C10 KAN K . -16.48 -19.46 37.52
C11 KAN K . -16.04 -18.56 38.69
C12 KAN K . -15.14 -17.43 38.20
C13 KAN K . -16.95 -16.90 33.77
C14 KAN K . -16.78 -15.60 32.97
C15 KAN K . -18.05 -14.76 33.03
C16 KAN K . -19.22 -15.61 32.58
C17 KAN K . -19.31 -16.89 33.42
C18 KAN K . -20.39 -17.82 32.96
N1 KAN K . -14.52 -22.94 35.89
N2 KAN K . -15.32 -19.31 39.74
N3 KAN K . -15.34 -15.34 36.89
N4 KAN K . -17.89 -13.59 32.16
O5 KAN K . -16.92 -22.28 36.69
O6 KAN K . -19.70 -21.45 38.96
O7 KAN K . -18.93 -24.13 39.78
O8 KAN K . -16.28 -24.82 39.21
O9 KAN K . -17.35 -20.47 38.09
O10 KAN K . -17.55 -19.46 35.26
O11 KAN K . -17.05 -16.62 35.16
O12 KAN K . -18.09 -17.62 33.34
O13 KAN K . -15.66 -14.82 33.40
O14 KAN K . -20.44 -14.91 32.79
O15 KAN K . -20.34 -19.05 33.67
MG MG L . -11.67 -11.72 33.31
MG MG M . -14.90 -10.46 31.47
PG GNP N . 13.28 11.80 -29.73
PG GNP N . 12.83 8.84 -27.48
O1G GNP N . 12.19 12.56 -30.32
O1G GNP N . 12.03 8.75 -28.70
O2G GNP N . 14.66 12.16 -30.47
O2G GNP N . 12.45 7.69 -26.50
O3G GNP N . 12.97 10.25 -29.99
O3G GNP N . 14.35 8.69 -27.90
N3B GNP N . 13.35 12.02 -28.11
N3B GNP N . 12.67 10.22 -26.63
PB GNP N . 13.71 10.97 -26.91
PB GNP N . 13.51 11.59 -26.88
O1B GNP N . 12.52 10.39 -26.30
O1B GNP N . 13.88 11.80 -28.27
O2B GNP N . 14.63 9.84 -27.59
O2B GNP N . 12.63 12.74 -26.47
O3A GNP N . 14.67 11.80 -25.91
O3A GNP N . 14.76 11.66 -25.90
PA GNP N . 16.10 12.49 -26.11
O1A GNP N . 16.32 13.07 -27.48
O2A GNP N . 16.98 11.38 -25.78
O5' GNP N . 16.12 13.45 -24.92
C5' GNP N . 15.02 14.34 -24.74
C4' GNP N . 15.63 15.71 -24.59
O4' GNP N . 16.24 15.80 -23.29
C3' GNP N . 16.76 16.07 -25.56
O3' GNP N . 16.27 16.62 -26.78
C2' GNP N . 17.48 17.16 -24.78
O2' GNP N . 16.70 18.35 -24.80
C1' GNP N . 17.40 16.62 -23.36
N9 GNP N . 18.58 15.81 -23.00
C8 GNP N . 18.67 14.44 -22.89
N7 GNP N . 19.86 14.05 -22.49
C5 GNP N . 20.57 15.22 -22.34
C6 GNP N . 21.91 15.45 -21.89
O6 GNP N . 22.76 14.64 -21.55
N1 GNP N . 22.22 16.79 -21.88
C2 GNP N . 21.39 17.79 -22.25
N2 GNP N . 21.91 19.01 -22.28
N3 GNP N . 20.14 17.60 -22.63
C4 GNP N . 19.80 16.30 -22.65
C1 KAN O . 11.85 14.63 -40.56
C2 KAN O . 11.88 14.82 -42.08
C3 KAN O . 12.00 16.31 -42.40
C4 KAN O . 10.90 17.12 -41.74
C5 KAN O . 10.82 16.82 -40.23
C6 KAN O . 9.59 17.46 -39.62
C7 KAN O . 15.28 13.75 -36.66
C8 KAN O . 13.79 13.37 -36.72
C9 KAN O . 13.23 13.50 -38.13
C10 KAN O . 13.38 14.95 -38.60
C11 KAN O . 14.84 15.44 -38.47
C12 KAN O . 15.41 15.23 -37.07
C13 KAN O . 12.47 11.65 -35.68
C14 KAN O . 12.76 10.88 -34.39
C15 KAN O . 13.33 9.47 -34.69
C16 KAN O . 12.51 8.77 -35.78
C17 KAN O . 12.23 9.65 -36.99
C18 KAN O . 11.26 9.00 -37.95
N1 KAN O . 9.61 17.27 -38.15
N2 KAN O . 15.05 16.85 -38.85
N3 KAN O . 15.87 13.52 -35.33
N4 KAN O . 13.37 8.64 -33.47
O5 KAN O . 10.78 15.39 -39.99
O6 KAN O . 12.98 14.10 -42.67
O7 KAN O . 11.89 16.51 -43.79
O8 KAN O . 11.16 18.52 -41.91
O9 KAN O . 13.12 14.98 -40.02
O10 KAN O . 11.89 13.01 -38.21
O11 KAN O . 13.71 12.01 -36.28
O12 KAN O . 11.65 10.91 -36.57
O13 KAN O . 13.64 11.63 -33.56
O14 KAN O . 13.23 7.69 -36.32
O15 KAN O . 10.99 9.86 -39.04
MG MG P . 15.75 12.83 -29.14
MG MG Q . 15.10 9.13 -29.51
MG MG R . 36.71 27.93 -23.05
CL CL S . -7.40 10.00 -42.71
PG GNP T . -9.71 22.79 -3.16
PG GNP T . -8.25 19.45 -1.87
O1G GNP T . -8.87 23.67 -3.95
O1G GNP T . -7.55 20.62 -1.35
O2G GNP T . -11.07 23.58 -2.86
O2G GNP T . -7.57 18.05 -1.57
O3G GNP T . -8.97 22.47 -1.76
O3G GNP T . -9.78 19.36 -1.27
N3B GNP T . -10.13 21.40 -3.92
N3B GNP T . -8.41 19.62 -3.48
PB GNP T . -9.65 19.85 -3.69
PB GNP T . -9.72 20.16 -4.29
O1B GNP T . -8.33 19.64 -4.24
O1B GNP T . -10.26 21.39 -3.72
O2B GNP T . -9.69 19.46 -2.14
O2B GNP T . -9.30 20.43 -5.79
O3A GNP T . -10.62 18.83 -4.48
O3A GNP T . -10.64 18.87 -4.42
PA GNP T . -12.20 18.76 -4.65
O1A GNP T . -12.88 20.08 -4.54
O2A GNP T . -12.70 17.76 -3.70
O5' GNP T . -12.39 18.08 -6.03
C5' GNP T . -11.83 18.71 -7.20
C4' GNP T . -12.94 18.94 -8.19
O4' GNP T . -13.42 17.66 -8.67
C3' GNP T . -14.20 19.63 -7.66
O3' GNP T . -14.11 21.04 -7.59
C2' GNP T . -15.22 19.22 -8.70
O2' GNP T . -15.10 20.03 -9.86
C1' GNP T . -14.80 17.76 -8.96
N9 GNP T . -15.52 16.80 -8.14
C8 GNP T . -15.06 16.16 -7.01
N7 GNP T . -15.92 15.28 -6.54
C5 GNP T . -17.00 15.37 -7.39
C6 GNP T . -18.28 14.66 -7.40
O6 GNP T . -18.67 13.76 -6.63
N1 GNP T . -19.10 15.09 -8.42
C2 GNP T . -18.75 16.04 -9.35
N2 GNP T . -19.66 16.31 -10.29
N3 GNP T . -17.60 16.68 -9.35
C4 GNP T . -16.78 16.31 -8.37
C1 KAN U . -11.34 33.60 -1.51
C2 KAN U . -11.61 34.97 -0.87
C3 KAN U . -12.39 35.87 -1.80
C4 KAN U . -11.72 35.96 -3.15
C5 KAN U . -11.44 34.57 -3.71
C6 KAN U . -10.58 34.64 -4.95
C7 KAN U . -13.41 28.78 -1.25
C8 KAN U . -11.93 29.10 -1.43
C9 KAN U . -11.64 30.55 -1.05
C10 KAN U . -12.52 31.47 -1.91
C11 KAN U . -14.00 31.10 -1.83
C12 KAN U . -14.20 29.64 -2.23
C13 KAN U . -9.90 27.78 -1.15
C14 KAN U . -9.61 26.29 -0.88
C15 KAN U . -9.65 26.01 0.62
C16 KAN U . -8.64 26.93 1.31
C17 KAN U . -9.00 28.38 0.97
C18 KAN U . -8.07 29.34 1.64
N1 KAN U . -10.51 33.31 -5.44
N2 KAN U . -14.81 31.94 -2.71
N3 KAN U . -13.72 27.36 -1.44
N4 KAN U . -9.36 24.59 0.88
O5 KAN U . -10.71 33.76 -2.76
O6 KAN U . -12.35 34.83 0.34
O7 KAN U . -12.44 37.17 -1.21
O8 KAN U . -12.55 36.63 -4.06
O9 KAN U . -12.55 32.87 -1.56
O10 KAN U . -10.26 30.80 -1.24
O11 KAN U . -11.19 28.14 -0.65
O12 KAN U . -8.93 28.57 -0.46
O13 KAN U . -10.50 25.41 -1.58
O14 KAN U . -8.74 26.85 2.71
O15 KAN U . -8.25 30.65 1.13
MG MG V . -12.57 21.77 -3.66
MG MG W . -10.45 20.98 -0.50
#